data_4I2W
#
_entry.id   4I2W
#
_cell.length_a   86.276
_cell.length_b   86.276
_cell.length_c   808.978
_cell.angle_alpha   90.000
_cell.angle_beta   90.000
_cell.angle_gamma   120.000
#
_symmetry.space_group_name_H-M   'P 61 2 2'
#
loop_
_entity.id
_entity.type
_entity.pdbx_description
1 polymer 'Protein UNC-45'
2 polymer 'Heat shock 70 kDa protein A'
#
loop_
_entity_poly.entity_id
_entity_poly.type
_entity_poly.pdbx_seq_one_letter_code
_entity_poly.pdbx_strand_id
1 'polypeptide(L)'
;(MSE)VARVQTAEEIRDEGNAAVKDQDYIKADELYTEALQLTTDEDKALRPVLYRNRA(MSE)ARLKRDDFEGAQSDCTK
ALEFDGADVKALFRRSLAREQLGNVGPAFQDAKEALRLSPNDKGIVEVLQRLVKANNDKIKQTTSLANKVTD(MSE)EKL
AFRGEAKDTEQK(MSE)TALNNLLVLCRESESGATGVWNQGALVPFVLNLINDASENEEVTVTAIRILDETIKNSVRC
(MSE)KFLA(MSE)HDPDGPKSVRFVCRL(MSE)CKKSTKDFVDATGILVQRVFNA(MSE)AK(MSE)DRQKE(MSE)KP
DPEVAEANKIWIIRVLLELQE(MSE)LQDPKVGAVQRETCIDLFLKNL(MSE)H(MSE)DGGIPRGWSWKFVEERGLLAL
LDVASQIPELCEYPVSAETRQHVAICLQRLEED(MSE)VFDTKRTIFKEKVD(MSE)FFNALISRCTNDDEGHKYRIKLS
CFLIT(MSE)LQGPVDIGINLITNDQLTPI(MSE)LE(MSE)AASQDHL(MSE)QGIAAELIVATVSKHERAIN(MSE)L
KVGIPVLRALYDSEDPTVKVRALVGLCKIGAAGGDDISKAT(MSE)KEEAVISLAKTCKKFLLETEKYSVDIRRYACEGL
SYLSLDADVKEWIVDDSLLLKALVLLAKKAGALCVYTLATIYANLSNAFEKPKVDEE(MSE)VKLAQFAKHHVPETHPKD
TEEYVEKRVRALVEEGAVPACVAVSKTESKNALELIARSLLAFAEYEDLRGRIIAEGGTVLCLRLTKEASGEGKIKAGHA
IAKLGAKADP(MSE)ISFPGQRAYEVVKPLCDLLHPDVEGKANYDSLLTLTNLASVSDSIRGRILKEKAIPKIEEFWF
(MSE)TDHEHLRAAAAELLLNLLFFEKFYEETVAPGTDRLKLWVLYSAEVEEERLSRASAAGFAILTEDENACARI
(MSE)DEIKSWPEVFKDIA(MSE)HEDAETQRRGL(MSE)GIANI(MSE)HSSNKLCSEIVSSEVFRVLVAVTKLGTINQ
ERAGSTEQAKRGLEAAEKFGLIKATDREIYERENQ(MSE)STIQE
;
A
2 'polypeptide(L)' AGGPTIEEVD B
#
# COMPACT_ATOMS: atom_id res chain seq x y z
N VAL A 5 -28.92 17.68 12.94
CA VAL A 5 -29.15 16.42 13.72
C VAL A 5 -29.27 15.21 12.81
N GLN A 6 -29.29 14.02 13.40
CA GLN A 6 -29.41 12.78 12.63
C GLN A 6 -30.11 11.71 13.43
N THR A 7 -30.96 10.92 12.77
CA THR A 7 -31.71 9.88 13.48
C THR A 7 -31.12 8.49 13.35
N ALA A 8 -31.24 7.73 14.43
CA ALA A 8 -30.75 6.37 14.45
C ALA A 8 -31.26 5.75 13.17
N GLU A 9 -32.58 5.77 13.03
CA GLU A 9 -33.26 5.23 11.86
C GLU A 9 -32.56 5.47 10.53
N GLU A 10 -33.14 6.37 9.76
CA GLU A 10 -32.67 6.72 8.42
C GLU A 10 -31.19 6.45 8.14
N ILE A 11 -30.32 6.89 9.04
CA ILE A 11 -28.89 6.69 8.81
C ILE A 11 -28.64 5.25 8.35
N ARG A 12 -29.31 4.30 8.99
CA ARG A 12 -29.13 2.90 8.63
C ARG A 12 -29.44 2.71 7.16
N ASP A 13 -30.61 3.17 6.74
CA ASP A 13 -31.05 3.07 5.36
C ASP A 13 -29.93 3.51 4.45
N GLU A 14 -29.22 4.54 4.90
CA GLU A 14 -28.10 5.07 4.14
C GLU A 14 -27.09 3.94 3.88
N GLY A 15 -26.87 3.13 4.90
CA GLY A 15 -25.96 2.01 4.79
C GLY A 15 -26.61 0.86 4.06
N ASN A 16 -27.87 0.61 4.40
CA ASN A 16 -28.63 -0.47 3.76
C ASN A 16 -28.45 -0.28 2.26
N ALA A 17 -28.60 0.97 1.84
CA ALA A 17 -28.45 1.34 0.43
C ALA A 17 -27.02 1.10 -0.01
N ALA A 18 -26.07 1.37 0.87
CA ALA A 18 -24.66 1.16 0.56
C ALA A 18 -24.42 -0.30 0.27
N VAL A 19 -24.90 -1.14 1.18
CA VAL A 19 -24.75 -2.59 1.04
C VAL A 19 -25.17 -2.97 -0.36
N LYS A 20 -26.25 -2.35 -0.82
CA LYS A 20 -26.77 -2.63 -2.15
C LYS A 20 -25.93 -2.00 -3.26
N ASP A 21 -25.29 -0.88 -2.98
CA ASP A 21 -24.46 -0.24 -4.00
C ASP A 21 -23.17 -1.01 -4.18
N GLN A 22 -22.76 -1.68 -3.10
CA GLN A 22 -21.54 -2.49 -3.05
C GLN A 22 -20.36 -1.78 -2.38
N ASP A 23 -20.69 -0.89 -1.44
CA ASP A 23 -19.69 -0.15 -0.67
C ASP A 23 -19.83 -0.70 0.74
N TYR A 24 -19.29 -1.90 0.95
CA TYR A 24 -19.33 -2.58 2.24
C TYR A 24 -18.44 -1.84 3.22
N ILE A 25 -17.39 -1.24 2.68
CA ILE A 25 -16.46 -0.48 3.48
C ILE A 25 -17.35 0.62 4.07
N LYS A 26 -18.18 1.21 3.23
CA LYS A 26 -19.11 2.26 3.66
C LYS A 26 -20.13 1.63 4.60
N ALA A 27 -20.91 0.70 4.06
CA ALA A 27 -21.92 -0.01 4.81
C ALA A 27 -21.41 -0.29 6.22
N ASP A 28 -20.31 -1.04 6.31
CA ASP A 28 -19.68 -1.38 7.58
C ASP A 28 -19.68 -0.11 8.45
N GLU A 29 -18.98 0.92 7.96
CA GLU A 29 -18.84 2.20 8.66
C GLU A 29 -20.17 2.85 8.99
N LEU A 30 -21.06 2.93 7.99
CA LEU A 30 -22.36 3.56 8.14
C LEU A 30 -23.19 2.90 9.22
N TYR A 31 -23.23 1.57 9.22
CA TYR A 31 -23.99 0.80 10.19
C TYR A 31 -23.42 1.02 11.58
N THR A 32 -22.11 0.82 11.67
CA THR A 32 -21.39 0.98 12.93
C THR A 32 -21.64 2.38 13.45
N GLU A 33 -21.43 3.36 12.57
CA GLU A 33 -21.63 4.77 12.92
C GLU A 33 -23.09 4.95 13.31
N ALA A 34 -23.98 4.33 12.54
CA ALA A 34 -25.42 4.41 12.79
C ALA A 34 -25.69 3.82 14.17
N LEU A 35 -25.17 2.62 14.38
CA LEU A 35 -25.34 1.90 15.63
C LEU A 35 -25.05 2.79 16.84
N GLN A 36 -24.02 3.62 16.71
CA GLN A 36 -23.63 4.52 17.79
C GLN A 36 -24.76 5.46 18.16
N LEU A 37 -25.48 5.95 17.15
CA LEU A 37 -26.59 6.87 17.36
C LEU A 37 -27.60 6.30 18.34
N THR A 38 -28.08 5.08 18.08
CA THR A 38 -29.07 4.46 18.95
C THR A 38 -28.47 4.22 20.34
N THR A 39 -29.12 3.36 21.12
CA THR A 39 -28.64 3.05 22.47
C THR A 39 -29.34 1.77 22.95
N ASP A 40 -29.40 1.56 24.25
CA ASP A 40 -30.06 0.38 24.78
C ASP A 40 -31.47 0.66 25.32
N GLU A 41 -32.18 1.57 24.64
CA GLU A 41 -33.56 1.94 24.98
C GLU A 41 -34.34 1.92 23.67
N ASP A 42 -33.63 1.61 22.59
CA ASP A 42 -34.21 1.51 21.25
C ASP A 42 -34.03 0.07 20.78
N LYS A 43 -34.22 -0.86 21.72
CA LYS A 43 -34.11 -2.30 21.46
C LYS A 43 -33.93 -2.72 20.00
N ALA A 44 -34.95 -3.37 19.47
CA ALA A 44 -35.00 -3.89 18.10
C ALA A 44 -34.26 -3.09 17.04
N LEU A 45 -34.25 -1.77 17.18
CA LEU A 45 -33.58 -0.91 16.22
C LEU A 45 -32.12 -1.29 16.00
N ARG A 46 -31.53 -1.96 16.99
CA ARG A 46 -30.12 -2.35 16.94
C ARG A 46 -29.86 -3.72 16.29
N PRO A 47 -30.30 -4.81 16.94
CA PRO A 47 -30.10 -6.16 16.41
C PRO A 47 -30.07 -6.15 14.91
N VAL A 48 -31.08 -5.50 14.35
CA VAL A 48 -31.22 -5.38 12.91
C VAL A 48 -29.87 -5.01 12.31
N LEU A 49 -29.25 -3.99 12.90
CA LEU A 49 -27.96 -3.47 12.47
C LEU A 49 -26.78 -4.45 12.58
N TYR A 50 -26.59 -5.00 13.77
CA TYR A 50 -25.50 -5.94 13.97
C TYR A 50 -25.59 -6.93 12.82
N ARG A 51 -26.79 -7.46 12.65
CA ARG A 51 -27.10 -8.40 11.59
C ARG A 51 -26.53 -7.91 10.26
N ASN A 52 -26.92 -6.70 9.90
CA ASN A 52 -26.54 -6.10 8.64
C ASN A 52 -25.06 -5.73 8.50
N ARG A 53 -24.45 -5.16 9.55
CA ARG A 53 -23.03 -4.83 9.43
C ARG A 53 -22.37 -6.16 9.15
N ALA A 54 -22.71 -7.15 9.97
CA ALA A 54 -22.19 -8.50 9.86
C ALA A 54 -22.27 -8.95 8.40
N ALA A 56 -22.21 -6.96 5.59
CA ALA A 56 -21.15 -6.27 4.88
C ALA A 56 -19.79 -6.79 5.31
N ARG A 57 -19.53 -6.75 6.62
CA ARG A 57 -18.24 -7.21 7.14
C ARG A 57 -17.89 -8.53 6.49
N LEU A 58 -18.87 -9.44 6.48
CA LEU A 58 -18.67 -10.77 5.88
C LEU A 58 -18.23 -10.54 4.44
N LYS A 59 -18.84 -9.54 3.83
CA LYS A 59 -18.54 -9.16 2.45
C LYS A 59 -17.12 -8.61 2.31
N ARG A 60 -16.65 -7.91 3.35
CA ARG A 60 -15.29 -7.37 3.30
C ARG A 60 -14.26 -8.21 4.05
N ASP A 61 -14.57 -9.50 4.24
CA ASP A 61 -13.66 -10.42 4.91
C ASP A 61 -13.38 -10.15 6.37
N ASP A 62 -14.27 -9.39 7.02
CA ASP A 62 -14.13 -9.09 8.43
C ASP A 62 -14.90 -10.22 9.12
N PHE A 63 -14.37 -11.43 8.97
CA PHE A 63 -14.97 -12.64 9.53
C PHE A 63 -15.13 -12.57 11.03
N GLU A 64 -14.01 -12.36 11.70
CA GLU A 64 -14.03 -12.29 13.14
C GLU A 64 -15.10 -11.30 13.56
N GLY A 65 -15.30 -10.30 12.71
CA GLY A 65 -16.31 -9.30 12.97
C GLY A 65 -17.67 -9.82 12.58
N ALA A 66 -17.80 -10.24 11.33
CA ALA A 66 -19.06 -10.78 10.87
C ALA A 66 -19.61 -11.63 12.01
N GLN A 67 -18.87 -12.69 12.36
CA GLN A 67 -19.28 -13.58 13.44
C GLN A 67 -19.76 -12.84 14.69
N SER A 68 -18.90 -11.98 15.24
CA SER A 68 -19.21 -11.23 16.46
C SER A 68 -20.44 -10.34 16.38
N ASP A 69 -20.68 -9.78 15.20
CA ASP A 69 -21.86 -8.93 14.99
C ASP A 69 -23.04 -9.86 14.89
N CYS A 70 -22.82 -10.99 14.22
CA CYS A 70 -23.84 -12.01 14.04
C CYS A 70 -24.34 -12.39 15.44
N THR A 71 -23.51 -13.11 16.17
CA THR A 71 -23.85 -13.54 17.52
C THR A 71 -24.38 -12.38 18.36
N LYS A 72 -23.86 -11.18 18.13
CA LYS A 72 -24.32 -10.01 18.88
C LYS A 72 -25.79 -9.74 18.60
N ALA A 73 -26.27 -10.25 17.46
CA ALA A 73 -27.66 -10.08 17.05
C ALA A 73 -28.54 -11.20 17.58
N LEU A 74 -28.04 -12.43 17.50
CA LEU A 74 -28.78 -13.57 18.01
C LEU A 74 -29.07 -13.24 19.48
N GLU A 75 -28.13 -12.53 20.09
CA GLU A 75 -28.25 -12.10 21.49
C GLU A 75 -29.70 -11.72 21.77
N PHE A 76 -30.33 -11.07 20.81
CA PHE A 76 -31.71 -10.66 20.95
C PHE A 76 -32.68 -11.79 20.63
N ASP A 77 -32.64 -12.28 19.40
CA ASP A 77 -33.53 -13.35 18.98
C ASP A 77 -32.81 -14.65 18.65
N GLY A 78 -33.28 -15.74 19.24
CA GLY A 78 -32.67 -17.02 18.96
C GLY A 78 -32.76 -17.28 17.46
N ALA A 79 -33.97 -17.16 16.91
CA ALA A 79 -34.22 -17.39 15.48
C ALA A 79 -33.23 -16.64 14.62
N ASP A 80 -33.62 -15.47 14.13
CA ASP A 80 -32.76 -14.63 13.31
C ASP A 80 -31.95 -15.46 12.31
N VAL A 81 -32.63 -16.34 11.58
CA VAL A 81 -31.98 -17.18 10.59
C VAL A 81 -30.96 -16.39 9.81
N LYS A 82 -31.27 -15.12 9.58
CA LYS A 82 -30.36 -14.24 8.84
C LYS A 82 -28.98 -14.37 9.49
N ALA A 83 -28.94 -14.13 10.80
CA ALA A 83 -27.71 -14.20 11.59
C ALA A 83 -27.04 -15.58 11.57
N LEU A 84 -27.72 -16.58 12.13
CA LEU A 84 -27.16 -17.92 12.19
C LEU A 84 -26.51 -18.27 10.86
N PHE A 85 -27.09 -17.80 9.75
CA PHE A 85 -26.51 -18.10 8.46
C PHE A 85 -25.13 -17.45 8.37
N ARG A 86 -25.11 -16.12 8.24
CA ARG A 86 -23.88 -15.34 8.13
C ARG A 86 -22.78 -15.86 9.05
N ARG A 87 -23.14 -16.08 10.31
CA ARG A 87 -22.24 -16.59 11.36
C ARG A 87 -21.54 -17.85 10.92
N SER A 88 -22.31 -18.91 10.70
CA SER A 88 -21.77 -20.18 10.26
C SER A 88 -20.95 -19.97 8.98
N LEU A 89 -21.40 -19.02 8.18
CA LEU A 89 -20.71 -18.69 6.96
C LEU A 89 -19.34 -18.12 7.30
N ALA A 90 -19.32 -17.29 8.34
CA ALA A 90 -18.09 -16.67 8.82
C ALA A 90 -17.26 -17.72 9.52
N ARG A 91 -17.82 -18.27 10.59
CA ARG A 91 -17.14 -19.29 11.35
C ARG A 91 -16.40 -20.29 10.48
N GLU A 92 -17.09 -20.87 9.51
CA GLU A 92 -16.45 -21.85 8.64
C GLU A 92 -15.20 -21.28 7.99
N GLN A 93 -15.18 -19.96 7.85
CA GLN A 93 -14.06 -19.25 7.23
C GLN A 93 -12.89 -19.07 8.17
N LEU A 94 -13.17 -18.91 9.46
CA LEU A 94 -12.13 -18.77 10.46
C LEU A 94 -11.48 -20.13 10.59
N GLY A 95 -11.81 -21.02 9.65
CA GLY A 95 -11.28 -22.37 9.65
C GLY A 95 -11.93 -23.26 10.69
N ASN A 96 -12.91 -22.70 11.40
CA ASN A 96 -13.62 -23.40 12.46
C ASN A 96 -14.98 -23.97 12.06
N VAL A 97 -14.98 -25.13 11.40
CA VAL A 97 -16.21 -25.78 10.93
C VAL A 97 -17.12 -26.33 12.02
N GLY A 98 -16.55 -26.55 13.20
CA GLY A 98 -17.30 -27.07 14.32
C GLY A 98 -18.71 -26.51 14.40
N PRO A 99 -18.95 -25.53 15.27
CA PRO A 99 -20.28 -24.92 15.43
C PRO A 99 -20.73 -24.23 14.15
N ALA A 100 -19.85 -24.24 13.14
CA ALA A 100 -20.17 -23.66 11.85
C ALA A 100 -21.39 -24.43 11.35
N PHE A 101 -21.42 -25.71 11.72
CA PHE A 101 -22.52 -26.60 11.35
C PHE A 101 -23.73 -26.20 12.19
N GLN A 102 -23.63 -26.42 13.51
CA GLN A 102 -24.73 -26.13 14.44
C GLN A 102 -25.45 -24.80 14.27
N ASP A 103 -24.90 -23.93 13.44
CA ASP A 103 -25.54 -22.65 13.18
C ASP A 103 -26.25 -22.85 11.85
N ALA A 104 -25.47 -23.28 10.86
CA ALA A 104 -25.96 -23.53 9.50
C ALA A 104 -27.04 -24.61 9.53
N LYS A 105 -26.80 -25.61 10.38
CA LYS A 105 -27.75 -26.70 10.54
C LYS A 105 -29.02 -26.07 11.13
N GLU A 106 -28.93 -25.58 12.36
CA GLU A 106 -30.07 -24.95 13.02
C GLU A 106 -30.76 -23.93 12.13
N ALA A 107 -29.97 -23.25 11.31
CA ALA A 107 -30.51 -22.26 10.39
C ALA A 107 -31.47 -22.92 9.43
N LEU A 108 -30.97 -23.95 8.75
CA LEU A 108 -31.73 -24.73 7.77
C LEU A 108 -33.14 -25.08 8.26
N ARG A 109 -33.24 -25.67 9.45
CA ARG A 109 -34.55 -26.05 9.97
C ARG A 109 -35.43 -24.88 10.42
N LEU A 110 -34.90 -23.67 10.34
CA LEU A 110 -35.66 -22.48 10.72
C LEU A 110 -36.25 -21.87 9.47
N SER A 111 -35.55 -22.10 8.36
CA SER A 111 -35.94 -21.66 7.03
C SER A 111 -35.94 -22.93 6.18
N PRO A 112 -36.67 -23.97 6.63
CA PRO A 112 -36.78 -25.27 5.94
C PRO A 112 -36.12 -25.37 4.56
N ASN A 113 -36.57 -24.56 3.60
CA ASN A 113 -35.92 -24.59 2.29
C ASN A 113 -35.12 -23.32 2.15
N ASP A 114 -34.00 -23.40 1.45
CA ASP A 114 -33.14 -22.22 1.27
C ASP A 114 -31.86 -22.66 0.59
N LYS A 115 -31.90 -22.77 -0.74
CA LYS A 115 -30.75 -23.17 -1.55
C LYS A 115 -29.42 -22.69 -0.95
N GLY A 116 -29.48 -21.58 -0.21
CA GLY A 116 -28.29 -21.06 0.42
C GLY A 116 -27.88 -21.94 1.60
N ILE A 117 -28.64 -21.87 2.70
CA ILE A 117 -28.35 -22.67 3.89
C ILE A 117 -27.93 -24.07 3.49
N VAL A 118 -28.61 -24.58 2.47
CA VAL A 118 -28.32 -25.90 1.96
C VAL A 118 -26.93 -25.90 1.35
N GLU A 119 -26.71 -25.03 0.36
CA GLU A 119 -25.41 -24.96 -0.29
C GLU A 119 -24.23 -24.99 0.70
N VAL A 120 -24.38 -24.30 1.83
CA VAL A 120 -23.34 -24.25 2.88
C VAL A 120 -23.22 -25.63 3.54
N LEU A 121 -24.31 -26.09 4.14
CA LEU A 121 -24.35 -27.37 4.81
C LEU A 121 -23.75 -28.48 3.98
N GLN A 122 -23.91 -28.42 2.66
CA GLN A 122 -23.33 -29.48 1.82
C GLN A 122 -21.82 -29.44 1.99
N ARG A 123 -21.32 -28.21 2.03
CA ARG A 123 -19.90 -27.93 2.16
C ARG A 123 -19.47 -28.36 3.57
N LEU A 124 -20.03 -27.70 4.58
CA LEU A 124 -19.74 -28.00 5.99
C LEU A 124 -19.76 -29.50 6.32
N VAL A 125 -20.57 -30.25 5.59
CA VAL A 125 -20.66 -31.69 5.81
C VAL A 125 -19.35 -32.31 5.38
N LYS A 126 -18.97 -32.11 4.12
CA LYS A 126 -17.72 -32.68 3.64
C LYS A 126 -16.61 -32.13 4.52
N ALA A 127 -16.93 -31.08 5.26
CA ALA A 127 -15.97 -30.41 6.14
C ALA A 127 -15.74 -31.10 7.48
N ASN A 128 -16.80 -31.27 8.26
CA ASN A 128 -16.64 -31.93 9.55
C ASN A 128 -16.00 -33.31 9.36
N ASN A 129 -16.14 -33.89 8.17
CA ASN A 129 -15.58 -35.21 7.88
C ASN A 129 -14.07 -35.13 7.80
N ASP A 130 -13.60 -34.23 6.95
CA ASP A 130 -12.17 -34.03 6.77
C ASP A 130 -11.62 -33.11 7.86
N LYS A 131 -12.29 -33.10 9.01
CA LYS A 131 -11.89 -32.27 10.15
C LYS A 131 -10.88 -33.05 10.96
N ILE A 132 -11.33 -33.63 12.07
CA ILE A 132 -10.43 -34.40 12.93
C ILE A 132 -9.44 -35.19 12.09
N LYS A 133 -9.94 -35.81 11.03
CA LYS A 133 -9.12 -36.61 10.14
C LYS A 133 -7.94 -35.78 9.62
N GLN A 134 -8.23 -34.54 9.27
CA GLN A 134 -7.23 -33.63 8.70
C GLN A 134 -6.43 -32.75 9.65
N THR A 135 -7.01 -32.38 10.78
CA THR A 135 -6.30 -31.52 11.73
C THR A 135 -5.09 -32.25 12.31
N THR A 136 -5.33 -33.40 12.95
CA THR A 136 -4.24 -34.17 13.53
C THR A 136 -3.22 -34.62 12.46
N SER A 137 -3.40 -34.11 11.25
CA SER A 137 -2.51 -34.41 10.14
C SER A 137 -1.51 -33.26 10.04
N LEU A 138 -2.03 -32.07 10.34
CA LEU A 138 -1.28 -30.82 10.34
C LEU A 138 -0.54 -30.76 11.66
N ALA A 139 -1.29 -30.90 12.75
CA ALA A 139 -0.73 -30.87 14.08
C ALA A 139 0.60 -31.61 14.05
N ASN A 140 0.64 -32.75 13.34
CA ASN A 140 1.88 -33.50 13.21
C ASN A 140 2.83 -32.75 12.31
N LYS A 141 2.34 -32.29 11.17
CA LYS A 141 3.18 -31.54 10.24
C LYS A 141 3.91 -30.49 11.06
N VAL A 142 3.15 -29.83 11.94
CA VAL A 142 3.63 -28.77 12.83
C VAL A 142 4.66 -29.25 13.86
N THR A 143 4.20 -30.05 14.82
CA THR A 143 5.06 -30.57 15.87
C THR A 143 6.32 -31.20 15.33
N ASP A 144 6.34 -31.49 14.04
CA ASP A 144 7.55 -32.07 13.48
C ASP A 144 8.59 -30.99 13.28
N GLU A 146 8.26 -27.91 14.83
CA GLU A 146 8.32 -27.25 16.14
C GLU A 146 9.55 -27.79 16.85
N LYS A 147 10.07 -28.87 16.31
CA LYS A 147 11.26 -29.47 16.86
C LYS A 147 12.42 -28.79 16.16
N LEU A 148 12.48 -28.92 14.85
CA LEU A 148 13.54 -28.30 14.08
C LEU A 148 13.79 -26.82 14.41
N ALA A 149 12.74 -26.01 14.31
CA ALA A 149 12.83 -24.58 14.56
C ALA A 149 13.17 -24.18 16.00
N PHE A 150 12.29 -24.53 16.93
CA PHE A 150 12.51 -24.19 18.33
C PHE A 150 13.14 -25.35 19.10
N ARG A 151 12.32 -26.07 19.86
CA ARG A 151 12.72 -27.21 20.67
C ARG A 151 14.02 -27.88 20.18
N GLY A 152 15.17 -27.34 20.60
CA GLY A 152 16.48 -27.87 20.22
C GLY A 152 16.62 -28.68 18.94
N GLU A 153 16.32 -29.97 19.05
CA GLU A 153 16.38 -30.99 17.98
C GLU A 153 16.40 -30.60 16.49
N ALA A 154 17.52 -30.06 16.01
CA ALA A 154 17.68 -29.68 14.62
C ALA A 154 19.15 -29.42 14.47
N LYS A 155 19.74 -29.78 13.34
CA LYS A 155 21.17 -29.54 13.19
C LYS A 155 21.49 -28.58 12.07
N ASP A 156 22.57 -27.82 12.26
CA ASP A 156 23.00 -26.85 11.27
C ASP A 156 21.95 -25.76 11.07
N THR A 157 22.41 -24.51 11.01
CA THR A 157 21.56 -23.36 10.80
C THR A 157 20.53 -23.66 9.71
N GLU A 158 20.98 -23.51 8.47
CA GLU A 158 20.20 -23.74 7.26
C GLU A 158 18.83 -24.40 7.45
N GLN A 159 18.82 -25.59 8.05
CA GLN A 159 17.58 -26.32 8.27
C GLN A 159 16.69 -25.68 9.33
N LYS A 160 17.26 -25.40 10.50
CA LYS A 160 16.49 -24.77 11.56
C LYS A 160 15.80 -23.55 11.00
N THR A 162 15.00 -22.98 7.61
CA THR A 162 13.97 -23.45 6.69
C THR A 162 12.73 -23.88 7.48
N ALA A 163 12.94 -24.76 8.45
CA ALA A 163 11.89 -25.27 9.32
C ALA A 163 11.02 -24.15 9.88
N LEU A 164 11.59 -22.96 9.92
CA LEU A 164 10.86 -21.82 10.43
C LEU A 164 9.95 -21.31 9.32
N ASN A 165 10.55 -20.85 8.23
CA ASN A 165 9.81 -20.32 7.11
C ASN A 165 8.55 -21.15 6.89
N ASN A 166 8.69 -22.46 6.97
CA ASN A 166 7.56 -23.38 6.77
C ASN A 166 6.40 -22.97 7.68
N LEU A 167 6.68 -22.97 8.99
CA LEU A 167 5.72 -22.62 10.03
C LEU A 167 5.08 -21.30 9.72
N LEU A 168 5.88 -20.43 9.12
CA LEU A 168 5.47 -19.09 8.72
C LEU A 168 4.56 -19.21 7.49
N VAL A 169 5.05 -19.92 6.47
CA VAL A 169 4.30 -20.14 5.25
C VAL A 169 2.95 -20.74 5.67
N LEU A 170 3.07 -21.83 6.41
CA LEU A 170 1.96 -22.61 6.94
C LEU A 170 1.11 -21.77 7.90
N CYS A 171 1.73 -20.78 8.53
CA CYS A 171 1.06 -19.91 9.49
C CYS A 171 -0.01 -19.01 8.88
N ARG A 172 0.39 -18.26 7.87
CA ARG A 172 -0.54 -17.34 7.24
C ARG A 172 -1.25 -17.88 6.01
N GLU A 173 -0.82 -19.06 5.55
CA GLU A 173 -1.41 -19.71 4.38
C GLU A 173 -2.93 -19.96 4.52
N SER A 174 -3.43 -20.04 5.76
CA SER A 174 -4.85 -20.30 5.97
C SER A 174 -5.27 -19.92 7.37
N GLU A 175 -6.47 -19.38 7.52
CA GLU A 175 -6.94 -19.00 8.84
C GLU A 175 -6.77 -20.15 9.81
N SER A 176 -6.71 -21.35 9.24
CA SER A 176 -6.56 -22.58 10.00
C SER A 176 -5.12 -22.80 10.43
N GLY A 177 -4.24 -22.95 9.43
CA GLY A 177 -2.83 -23.16 9.67
C GLY A 177 -2.24 -22.19 10.66
N ALA A 178 -2.85 -21.02 10.78
CA ALA A 178 -2.38 -20.02 11.72
C ALA A 178 -2.62 -20.58 13.11
N THR A 179 -3.90 -20.85 13.41
CA THR A 179 -4.28 -21.41 14.70
C THR A 179 -3.43 -22.65 14.98
N GLY A 180 -2.94 -23.23 13.89
CA GLY A 180 -2.12 -24.43 13.96
C GLY A 180 -0.69 -24.17 14.37
N VAL A 181 -0.13 -23.08 13.88
CA VAL A 181 1.24 -22.79 14.26
C VAL A 181 1.16 -22.14 15.63
N TRP A 182 0.03 -21.48 15.93
CA TRP A 182 -0.10 -20.87 17.23
C TRP A 182 0.02 -21.96 18.27
N ASN A 183 -0.54 -23.13 17.97
CA ASN A 183 -0.45 -24.26 18.89
C ASN A 183 -0.89 -23.85 20.29
N GLN A 184 -1.87 -22.97 20.33
CA GLN A 184 -2.43 -22.48 21.59
C GLN A 184 -1.45 -21.77 22.51
N GLY A 185 -0.57 -20.95 21.94
CA GLY A 185 0.39 -20.20 22.74
C GLY A 185 1.76 -20.85 22.85
N ALA A 186 1.81 -22.13 22.54
CA ALA A 186 3.07 -22.85 22.60
C ALA A 186 4.12 -22.02 21.86
N LEU A 187 3.66 -21.34 20.82
CA LEU A 187 4.49 -20.50 19.97
C LEU A 187 5.17 -19.35 20.69
N VAL A 188 4.40 -18.67 21.54
CA VAL A 188 4.90 -17.52 22.29
C VAL A 188 6.22 -17.82 23.00
N PRO A 189 6.21 -18.71 24.01
CA PRO A 189 7.47 -18.98 24.70
C PRO A 189 8.62 -19.43 23.80
N PHE A 190 8.30 -20.10 22.69
CA PHE A 190 9.36 -20.57 21.78
C PHE A 190 9.99 -19.40 21.04
N VAL A 191 9.14 -18.46 20.61
CA VAL A 191 9.60 -17.26 19.91
C VAL A 191 10.39 -16.43 20.92
N LEU A 192 9.77 -16.13 22.06
CA LEU A 192 10.43 -15.34 23.10
C LEU A 192 11.83 -15.83 23.40
N ASN A 193 12.03 -17.13 23.30
CA ASN A 193 13.33 -17.69 23.56
C ASN A 193 14.34 -17.28 22.53
N LEU A 194 13.91 -17.19 21.29
CA LEU A 194 14.83 -16.78 20.23
C LEU A 194 15.18 -15.32 20.45
N ILE A 195 14.19 -14.55 20.89
CA ILE A 195 14.37 -13.15 21.17
C ILE A 195 15.46 -13.05 22.23
N ASN A 196 15.17 -13.62 23.41
CA ASN A 196 16.10 -13.62 24.54
C ASN A 196 17.47 -14.22 24.33
N ASP A 197 17.65 -15.00 23.28
CA ASP A 197 18.96 -15.56 23.06
C ASP A 197 19.78 -14.44 22.46
N ALA A 198 20.97 -14.26 23.00
CA ALA A 198 21.86 -13.21 22.55
C ALA A 198 22.51 -13.57 21.23
N SER A 199 22.85 -14.84 21.06
CA SER A 199 23.51 -15.33 19.86
C SER A 199 22.62 -15.65 18.65
N GLU A 200 21.47 -16.26 18.89
CA GLU A 200 20.53 -16.62 17.81
C GLU A 200 20.62 -15.62 16.66
N ASN A 201 20.89 -16.11 15.45
CA ASN A 201 20.99 -15.22 14.29
C ASN A 201 19.77 -14.32 14.14
N GLU A 202 20.00 -13.05 13.80
CA GLU A 202 18.92 -12.09 13.65
C GLU A 202 17.77 -12.60 12.83
N GLU A 203 18.06 -12.91 11.56
CA GLU A 203 17.06 -13.43 10.64
C GLU A 203 16.19 -14.47 11.34
N VAL A 204 16.83 -15.42 11.99
CA VAL A 204 16.14 -16.48 12.73
C VAL A 204 15.06 -15.84 13.59
N THR A 205 15.54 -14.98 14.48
CA THR A 205 14.73 -14.25 15.43
C THR A 205 13.64 -13.45 14.69
N VAL A 206 14.04 -12.66 13.70
CA VAL A 206 13.07 -11.87 12.93
C VAL A 206 11.98 -12.82 12.39
N THR A 207 12.40 -13.86 11.67
CA THR A 207 11.46 -14.82 11.09
C THR A 207 10.51 -15.35 12.15
N ALA A 208 11.08 -15.77 13.27
CA ALA A 208 10.27 -16.29 14.36
C ALA A 208 9.30 -15.24 14.93
N ILE A 209 9.63 -13.94 14.80
CA ILE A 209 8.75 -12.89 15.31
C ILE A 209 7.60 -12.78 14.33
N ARG A 210 7.96 -12.82 13.04
CA ARG A 210 7.01 -12.70 11.94
C ARG A 210 5.98 -13.83 11.89
N ILE A 211 6.33 -14.98 12.47
CA ILE A 211 5.40 -16.09 12.54
C ILE A 211 4.39 -15.62 13.57
N LEU A 212 4.91 -15.25 14.74
CA LEU A 212 4.09 -14.75 15.84
C LEU A 212 3.33 -13.51 15.35
N ASP A 213 4.03 -12.66 14.59
CA ASP A 213 3.44 -11.46 14.01
C ASP A 213 2.05 -11.82 13.49
N GLU A 214 2.03 -12.80 12.59
CA GLU A 214 0.82 -13.30 11.95
C GLU A 214 -0.16 -13.90 12.94
N THR A 215 0.29 -14.91 13.67
CA THR A 215 -0.54 -15.59 14.64
C THR A 215 -1.49 -14.64 15.37
N ILE A 216 -0.93 -13.54 15.88
CA ILE A 216 -1.72 -12.56 16.65
C ILE A 216 -2.51 -11.52 15.85
N LYS A 217 -2.77 -11.80 14.58
CA LYS A 217 -3.56 -10.89 13.76
C LYS A 217 -5.00 -11.22 14.12
N ASN A 218 -5.15 -12.19 15.03
CA ASN A 218 -6.46 -12.62 15.50
C ASN A 218 -6.74 -11.87 16.79
N SER A 219 -7.78 -11.03 16.80
CA SER A 219 -8.10 -10.28 17.99
C SER A 219 -8.03 -11.12 19.28
N VAL A 220 -8.73 -12.24 19.33
CA VAL A 220 -8.68 -13.02 20.55
C VAL A 220 -7.30 -13.53 20.89
N ARG A 221 -6.62 -14.18 19.95
CA ARG A 221 -5.26 -14.70 20.20
C ARG A 221 -4.34 -13.55 20.64
N CYS A 222 -4.42 -12.44 19.92
CA CYS A 222 -3.60 -11.28 20.20
C CYS A 222 -3.94 -10.78 21.60
N LYS A 224 -4.80 -12.10 23.90
CA LYS A 224 -4.41 -13.09 24.88
C LYS A 224 -2.94 -12.87 25.12
N PHE A 225 -2.24 -12.66 24.03
CA PHE A 225 -0.81 -12.42 24.04
C PHE A 225 -0.45 -11.28 24.99
N LEU A 226 -1.22 -10.20 24.88
CA LEU A 226 -1.01 -9.02 25.69
C LEU A 226 -1.08 -9.30 27.19
N ALA A 227 -2.18 -9.89 27.63
CA ALA A 227 -2.35 -10.17 29.06
C ALA A 227 -1.55 -11.33 29.60
N HIS A 229 1.51 -12.26 30.03
CA HIS A 229 2.85 -12.29 30.60
C HIS A 229 3.03 -11.98 32.07
N ASP A 230 1.94 -11.71 32.77
CA ASP A 230 2.03 -11.45 34.19
C ASP A 230 0.62 -11.33 34.73
N PRO A 231 0.34 -12.01 35.86
CA PRO A 231 -0.97 -12.01 36.50
C PRO A 231 -1.55 -10.60 36.61
N ASP A 232 -0.66 -9.62 36.77
CA ASP A 232 -1.03 -8.22 36.88
C ASP A 232 -1.07 -7.62 35.47
N GLY A 233 -2.28 -7.39 34.98
CA GLY A 233 -2.48 -6.87 33.64
C GLY A 233 -1.49 -5.80 33.19
N PRO A 234 -1.54 -4.62 33.81
CA PRO A 234 -0.63 -3.53 33.45
C PRO A 234 0.80 -4.00 33.20
N LYS A 235 1.32 -4.83 34.09
CA LYS A 235 2.68 -5.34 33.98
C LYS A 235 2.91 -6.04 32.64
N SER A 236 1.91 -6.82 32.21
CA SER A 236 2.01 -7.56 30.96
C SER A 236 2.16 -6.59 29.80
N VAL A 237 1.30 -5.58 29.77
CA VAL A 237 1.31 -4.57 28.72
C VAL A 237 2.70 -3.95 28.59
N ARG A 238 3.41 -3.84 29.72
CA ARG A 238 4.75 -3.29 29.71
C ARG A 238 5.61 -4.25 28.89
N PHE A 239 5.69 -5.48 29.40
CA PHE A 239 6.47 -6.54 28.77
C PHE A 239 6.40 -6.57 27.26
N VAL A 240 5.17 -6.60 26.74
CA VAL A 240 4.95 -6.62 25.31
C VAL A 240 5.71 -5.47 24.63
N CYS A 241 5.31 -4.23 24.92
CA CYS A 241 5.97 -3.08 24.31
C CYS A 241 7.47 -3.25 24.39
N ARG A 242 7.94 -3.25 25.64
CA ARG A 242 9.34 -3.38 25.98
C ARG A 242 10.01 -4.62 25.41
N LEU A 243 9.36 -5.29 24.46
CA LEU A 243 9.97 -6.45 23.86
C LEU A 243 10.96 -5.89 22.85
N CYS A 245 12.98 -3.88 23.01
CA CYS A 245 14.26 -3.50 23.59
C CYS A 245 15.20 -4.66 23.79
N LYS A 246 14.66 -5.82 24.17
CA LYS A 246 15.47 -7.00 24.39
C LYS A 246 16.77 -6.90 23.60
N LYS A 247 16.63 -6.79 22.28
CA LYS A 247 17.78 -6.63 21.39
C LYS A 247 17.59 -5.25 20.77
N SER A 248 18.46 -4.87 19.86
CA SER A 248 18.32 -3.57 19.22
C SER A 248 19.03 -3.40 17.87
N THR A 249 18.66 -4.24 16.91
CA THR A 249 19.20 -4.13 15.54
C THR A 249 18.02 -3.49 14.80
N LYS A 250 18.27 -2.90 13.64
CA LYS A 250 17.17 -2.26 12.93
C LYS A 250 15.97 -3.19 12.86
N ASP A 251 16.14 -4.30 12.14
CA ASP A 251 15.09 -5.29 11.93
C ASP A 251 14.43 -5.86 13.16
N PHE A 252 15.24 -6.30 14.11
CA PHE A 252 14.67 -6.86 15.32
C PHE A 252 13.68 -5.90 15.90
N VAL A 253 14.04 -4.63 15.91
CA VAL A 253 13.14 -3.63 16.48
C VAL A 253 11.89 -3.54 15.61
N ASP A 254 12.11 -3.35 14.31
CA ASP A 254 11.00 -3.24 13.38
C ASP A 254 10.05 -4.42 13.55
N ALA A 255 10.52 -5.61 13.18
CA ALA A 255 9.73 -6.85 13.27
C ALA A 255 8.93 -6.94 14.57
N THR A 256 9.50 -6.38 15.64
CA THR A 256 8.89 -6.37 16.95
C THR A 256 7.73 -5.40 17.05
N GLY A 257 7.97 -4.16 16.61
CA GLY A 257 6.95 -3.13 16.67
C GLY A 257 5.61 -3.62 16.19
N ILE A 258 5.63 -4.33 15.07
CA ILE A 258 4.42 -4.88 14.47
C ILE A 258 3.61 -5.66 15.49
N LEU A 259 4.33 -6.32 16.40
CA LEU A 259 3.71 -7.10 17.46
C LEU A 259 2.91 -6.11 18.29
N VAL A 260 3.57 -5.03 18.66
CA VAL A 260 2.93 -3.99 19.44
C VAL A 260 1.79 -3.51 18.56
N GLN A 261 2.08 -3.33 17.27
CA GLN A 261 1.06 -2.85 16.34
C GLN A 261 -0.19 -3.68 16.50
N ARG A 262 -0.03 -4.97 16.26
CA ARG A 262 -1.14 -5.91 16.36
C ARG A 262 -1.98 -5.67 17.61
N VAL A 263 -1.31 -5.39 18.72
CA VAL A 263 -1.99 -5.14 19.97
C VAL A 263 -3.03 -4.01 19.81
N PHE A 264 -2.69 -3.00 19.00
CA PHE A 264 -3.61 -1.89 18.78
C PHE A 264 -4.76 -2.41 17.94
N ASN A 265 -4.37 -2.87 16.75
CA ASN A 265 -5.31 -3.40 15.79
C ASN A 265 -6.32 -4.28 16.51
N ALA A 266 -5.82 -5.19 17.36
CA ALA A 266 -6.66 -6.09 18.15
C ALA A 266 -7.52 -5.33 19.18
N ALA A 268 -8.70 -2.21 19.46
CA ALA A 268 -9.82 -1.39 18.99
C ALA A 268 -10.43 -1.88 17.69
N LYS A 269 -10.20 -3.14 17.35
CA LYS A 269 -10.74 -3.75 16.12
C LYS A 269 -10.51 -2.88 14.90
N ASP A 271 -7.58 -1.94 11.54
CA ASP A 271 -6.42 -2.35 10.77
C ASP A 271 -6.25 -1.34 9.66
N ARG A 272 -5.15 -0.63 9.72
CA ARG A 272 -4.81 0.43 8.78
C ARG A 272 -4.50 -0.05 7.37
N GLN A 273 -3.99 -1.27 7.25
CA GLN A 273 -3.66 -1.82 5.94
C GLN A 273 -4.88 -2.41 5.24
N LYS A 274 -5.98 -2.55 5.97
CA LYS A 274 -7.21 -3.07 5.40
C LYS A 274 -8.22 -1.95 5.23
N GLU A 275 -7.95 -0.82 5.87
CA GLU A 275 -8.84 0.33 5.86
C GLU A 275 -10.01 0.07 6.79
N LYS A 277 -11.51 0.96 9.77
CA LYS A 277 -11.54 2.00 10.76
C LYS A 277 -12.17 1.37 12.00
N PRO A 278 -11.48 1.45 13.14
CA PRO A 278 -11.88 0.91 14.44
C PRO A 278 -13.35 0.94 14.85
N ASP A 279 -13.79 -0.19 15.40
CA ASP A 279 -15.14 -0.33 15.88
C ASP A 279 -15.15 0.43 17.20
N PRO A 280 -15.92 1.50 17.27
CA PRO A 280 -16.00 2.31 18.49
C PRO A 280 -16.31 1.53 19.76
N GLU A 281 -17.14 0.49 19.64
CA GLU A 281 -17.51 -0.31 20.80
C GLU A 281 -16.40 -1.15 21.38
N VAL A 282 -15.69 -1.90 20.52
CA VAL A 282 -14.58 -2.75 20.97
C VAL A 282 -13.57 -1.92 21.75
N ALA A 283 -12.93 -0.96 21.08
CA ALA A 283 -11.97 -0.11 21.75
C ALA A 283 -12.61 0.26 23.10
N GLU A 284 -13.74 0.96 23.04
CA GLU A 284 -14.44 1.39 24.24
C GLU A 284 -14.63 0.28 25.25
N ALA A 285 -14.74 -0.95 24.79
CA ALA A 285 -14.92 -2.07 25.72
C ALA A 285 -13.63 -2.27 26.49
N ASN A 286 -12.67 -2.91 25.86
CA ASN A 286 -11.38 -3.14 26.48
C ASN A 286 -10.54 -1.87 26.33
N LYS A 287 -11.07 -0.77 26.86
CA LYS A 287 -10.40 0.54 26.81
C LYS A 287 -9.19 0.55 27.72
N ILE A 288 -9.36 -0.08 28.88
CA ILE A 288 -8.34 -0.14 29.91
C ILE A 288 -7.00 -0.59 29.40
N TRP A 289 -7.00 -1.45 28.38
CA TRP A 289 -5.75 -1.94 27.81
C TRP A 289 -5.14 -0.92 26.89
N ILE A 290 -6.00 -0.17 26.20
CA ILE A 290 -5.53 0.87 25.29
C ILE A 290 -4.82 1.94 26.11
N ILE A 291 -5.29 2.15 27.34
CA ILE A 291 -4.67 3.10 28.23
C ILE A 291 -3.23 2.66 28.47
N ARG A 292 -3.13 1.60 29.26
CA ARG A 292 -1.86 0.98 29.63
C ARG A 292 -0.84 0.94 28.50
N VAL A 293 -1.29 0.66 27.29
CA VAL A 293 -0.37 0.58 26.16
C VAL A 293 0.28 1.90 25.78
N LEU A 294 -0.55 2.89 25.46
CA LEU A 294 -0.09 4.23 25.10
C LEU A 294 0.83 4.71 26.22
N LEU A 295 0.25 4.71 27.41
CA LEU A 295 0.93 5.09 28.63
C LEU A 295 2.36 4.56 28.60
N GLU A 296 2.49 3.28 28.29
CA GLU A 296 3.79 2.64 28.25
C GLU A 296 4.67 3.11 27.11
N LEU A 297 4.11 3.16 25.91
CA LEU A 297 4.87 3.61 24.74
C LEU A 297 5.25 5.06 24.90
N GLN A 298 4.50 5.75 25.76
CA GLN A 298 4.71 7.17 26.04
C GLN A 298 5.79 7.33 27.07
N GLU A 299 5.65 6.59 28.16
CA GLU A 299 6.62 6.68 29.23
C GLU A 299 7.99 6.26 28.72
N LEU A 301 8.94 7.13 25.88
CA LEU A 301 9.24 8.17 24.90
C LEU A 301 10.39 8.94 25.46
N GLN A 302 10.65 8.69 26.73
CA GLN A 302 11.70 9.40 27.38
C GLN A 302 12.70 8.56 28.15
N ASP A 303 12.29 7.42 28.68
CA ASP A 303 13.27 6.60 29.43
C ASP A 303 14.60 6.53 28.68
N PRO A 304 15.65 7.15 29.26
CA PRO A 304 17.01 7.21 28.73
C PRO A 304 17.59 5.83 28.50
N LYS A 305 16.91 4.84 29.07
CA LYS A 305 17.31 3.45 28.95
C LYS A 305 16.80 2.93 27.61
N VAL A 306 15.64 3.45 27.21
CA VAL A 306 15.02 3.09 25.95
C VAL A 306 15.91 3.58 24.82
N GLY A 307 16.33 2.66 23.97
CA GLY A 307 17.20 3.02 22.87
C GLY A 307 16.67 4.10 21.95
N ALA A 308 17.44 4.38 20.90
CA ALA A 308 17.10 5.37 19.90
C ALA A 308 16.08 4.77 18.95
N VAL A 309 16.53 3.76 18.21
CA VAL A 309 15.67 3.05 17.26
C VAL A 309 14.32 2.84 17.90
N GLN A 310 14.34 2.13 19.04
CA GLN A 310 13.11 1.85 19.76
C GLN A 310 12.35 3.16 20.02
N ARG A 311 13.10 4.23 20.27
CA ARG A 311 12.47 5.52 20.53
C ARG A 311 11.72 5.96 19.28
N GLU A 312 12.45 6.04 18.17
CA GLU A 312 11.87 6.45 16.91
C GLU A 312 10.59 5.66 16.67
N THR A 313 10.64 4.38 17.02
CA THR A 313 9.49 3.50 16.85
C THR A 313 8.27 3.94 17.65
N CYS A 314 8.39 3.96 18.98
CA CYS A 314 7.27 4.36 19.84
C CYS A 314 6.60 5.65 19.39
N ILE A 315 7.26 6.33 18.47
CA ILE A 315 6.77 7.59 17.93
C ILE A 315 5.85 7.33 16.74
N ASP A 316 6.29 6.46 15.84
CA ASP A 316 5.50 6.10 14.67
C ASP A 316 4.35 5.23 15.12
N LEU A 317 4.68 4.33 16.04
CA LEU A 317 3.72 3.42 16.62
C LEU A 317 2.63 4.30 17.19
N PHE A 318 3.06 5.41 17.79
CA PHE A 318 2.18 6.41 18.41
C PHE A 318 1.36 7.12 17.35
N LEU A 319 2.05 7.49 16.28
CA LEU A 319 1.47 8.19 15.15
C LEU A 319 0.38 7.39 14.49
N LYS A 320 0.77 6.26 13.90
CA LYS A 320 -0.15 5.40 13.19
C LYS A 320 -1.42 4.93 13.95
N ASN A 321 -1.33 4.74 15.26
CA ASN A 321 -2.50 4.23 15.98
C ASN A 321 -3.27 5.19 16.92
N LEU A 322 -2.91 6.48 16.98
CA LEU A 322 -3.62 7.41 17.87
C LEU A 322 -4.43 8.49 17.18
N HIS A 324 -7.02 9.57 15.48
CA HIS A 324 -8.32 9.10 15.08
C HIS A 324 -8.70 9.60 13.69
N ASP A 326 -7.20 9.75 11.24
CA ASP A 326 -6.48 9.02 10.21
C ASP A 326 -6.19 7.60 10.68
N GLY A 327 -6.89 6.65 10.07
CA GLY A 327 -6.74 5.24 10.39
C GLY A 327 -6.47 4.93 11.85
N GLY A 328 -6.82 5.84 12.74
CA GLY A 328 -6.50 5.61 14.13
C GLY A 328 -7.60 5.21 15.06
N ILE A 329 -7.19 5.06 16.32
CA ILE A 329 -8.00 4.71 17.48
C ILE A 329 -9.28 5.58 17.36
N PRO A 330 -10.31 5.37 18.20
CA PRO A 330 -11.49 6.23 18.03
C PRO A 330 -11.20 7.67 18.43
N ARG A 331 -12.15 8.57 18.16
CA ARG A 331 -11.93 9.95 18.55
C ARG A 331 -11.90 10.09 20.05
N GLY A 332 -11.12 11.06 20.52
CA GLY A 332 -11.04 11.29 21.94
C GLY A 332 -9.74 10.88 22.57
N TRP A 333 -9.06 9.90 21.99
CA TRP A 333 -7.79 9.48 22.57
C TRP A 333 -6.78 10.58 22.31
N SER A 334 -6.61 10.91 21.04
CA SER A 334 -5.67 11.95 20.63
C SER A 334 -5.76 13.22 21.50
N TRP A 335 -6.95 13.50 22.03
CA TRP A 335 -7.21 14.67 22.87
C TRP A 335 -6.62 14.55 24.25
N LYS A 336 -7.03 13.52 24.98
CA LYS A 336 -6.51 13.32 26.32
C LYS A 336 -5.00 13.11 26.26
N PHE A 337 -4.47 12.91 25.05
CA PHE A 337 -3.02 12.74 24.88
C PHE A 337 -2.32 14.09 24.92
N VAL A 338 -3.01 15.13 24.45
CA VAL A 338 -2.44 16.48 24.46
C VAL A 338 -2.90 17.18 25.72
N GLU A 339 -4.07 16.81 26.20
CA GLU A 339 -4.61 17.39 27.41
C GLU A 339 -3.76 17.01 28.63
N GLU A 340 -2.88 16.03 28.46
CA GLU A 340 -2.02 15.61 29.58
C GLU A 340 -0.56 15.52 29.15
N ARG A 341 0.19 14.70 29.88
CA ARG A 341 1.61 14.49 29.63
C ARG A 341 2.01 14.24 28.19
N GLY A 342 1.19 13.46 27.49
CA GLY A 342 1.47 13.11 26.10
C GLY A 342 2.11 14.15 25.20
N LEU A 343 1.36 15.18 24.85
CA LEU A 343 1.85 16.24 23.97
C LEU A 343 3.15 16.86 24.43
N LEU A 344 3.11 17.49 25.59
CA LEU A 344 4.28 18.13 26.19
C LEU A 344 5.47 17.22 25.98
N ALA A 345 5.35 16.01 26.53
CA ALA A 345 6.39 14.99 26.45
C ALA A 345 6.72 14.54 25.02
N LEU A 346 5.81 14.75 24.08
CA LEU A 346 6.11 14.38 22.71
C LEU A 346 6.93 15.54 22.13
N LEU A 347 6.84 16.70 22.79
CA LEU A 347 7.56 17.90 22.37
C LEU A 347 8.97 17.87 22.95
N ASP A 348 9.03 17.46 24.22
CA ASP A 348 10.29 17.36 24.94
C ASP A 348 11.32 16.65 24.06
N VAL A 349 10.82 15.88 23.11
CA VAL A 349 11.69 15.16 22.19
C VAL A 349 12.07 16.12 21.07
N ALA A 350 11.06 16.76 20.49
CA ALA A 350 11.22 17.72 19.40
C ALA A 350 12.37 18.71 19.63
N SER A 351 12.84 18.78 20.87
CA SER A 351 13.92 19.68 21.26
C SER A 351 15.13 18.90 21.82
N GLN A 352 15.55 17.89 21.08
CA GLN A 352 16.68 17.05 21.44
C GLN A 352 17.46 16.86 20.15
N ILE A 353 18.71 16.44 20.25
CA ILE A 353 19.51 16.18 19.06
C ILE A 353 20.60 15.17 19.43
N PRO A 354 21.30 14.62 18.44
CA PRO A 354 22.36 13.65 18.75
C PRO A 354 23.54 14.27 19.48
N GLU A 355 23.56 15.60 19.59
CA GLU A 355 24.68 16.27 20.25
C GLU A 355 24.27 17.00 21.52
N LEU A 356 23.22 16.50 22.17
CA LEU A 356 22.69 17.06 23.40
C LEU A 356 21.31 16.45 23.55
N CYS A 357 21.31 15.26 24.14
CA CYS A 357 20.09 14.51 24.33
C CYS A 357 19.99 13.95 25.72
N GLU A 358 18.92 14.30 26.42
CA GLU A 358 18.73 13.82 27.78
C GLU A 358 18.33 12.34 27.77
N TYR A 359 18.02 11.83 26.58
CA TYR A 359 17.65 10.43 26.37
C TYR A 359 17.96 10.08 24.92
N PRO A 360 18.78 9.03 24.72
CA PRO A 360 19.22 8.52 23.41
C PRO A 360 18.38 8.96 22.23
N VAL A 361 19.06 9.50 21.22
CA VAL A 361 18.42 9.99 20.01
C VAL A 361 19.34 9.87 18.82
N SER A 362 18.75 9.86 17.62
CA SER A 362 19.52 9.74 16.40
C SER A 362 19.15 10.79 15.38
N ALA A 363 20.05 10.98 14.43
CA ALA A 363 19.87 11.96 13.36
C ALA A 363 18.47 11.92 12.75
N GLU A 364 17.93 10.71 12.63
CA GLU A 364 16.62 10.51 12.04
C GLU A 364 15.49 10.90 12.99
N THR A 365 15.67 10.63 14.28
CA THR A 365 14.63 10.91 15.28
C THR A 365 13.78 12.17 15.08
N ARG A 366 14.22 13.11 14.24
CA ARG A 366 13.43 14.31 14.01
C ARG A 366 12.18 14.08 13.13
N GLN A 367 12.39 13.64 11.90
CA GLN A 367 11.27 13.40 10.98
C GLN A 367 10.12 12.82 11.74
N HIS A 368 10.36 11.64 12.30
CA HIS A 368 9.35 10.92 13.05
C HIS A 368 8.56 11.82 14.00
N VAL A 369 9.21 12.81 14.62
CA VAL A 369 8.52 13.70 15.56
C VAL A 369 7.89 14.89 14.86
N ALA A 370 8.33 15.18 13.65
CA ALA A 370 7.75 16.28 12.90
C ALA A 370 6.33 15.84 12.51
N ILE A 371 6.25 15.09 11.42
CA ILE A 371 4.99 14.57 10.89
C ILE A 371 4.06 14.09 11.97
N CYS A 372 4.63 13.49 13.01
CA CYS A 372 3.86 12.96 14.13
C CYS A 372 3.19 14.05 14.98
N LEU A 373 3.80 15.22 14.99
CA LEU A 373 3.23 16.32 15.75
C LEU A 373 2.25 17.01 14.80
N GLN A 374 2.60 16.95 13.51
CA GLN A 374 1.82 17.52 12.42
C GLN A 374 0.43 16.91 12.34
N ARG A 375 0.38 15.61 12.57
CA ARG A 375 -0.85 14.83 12.52
C ARG A 375 -1.62 14.95 13.83
N LEU A 376 -0.89 15.03 14.94
CA LEU A 376 -1.53 15.19 16.23
C LEU A 376 -2.25 16.53 16.13
N GLU A 377 -1.64 17.43 15.37
CA GLU A 377 -2.21 18.75 15.14
C GLU A 377 -3.50 18.55 14.38
N GLU A 378 -3.39 18.07 13.15
CA GLU A 378 -4.54 17.83 12.31
C GLU A 378 -5.63 17.05 13.06
N ASP A 379 -5.26 15.92 13.66
CA ASP A 379 -6.19 15.10 14.41
C ASP A 379 -6.74 15.86 15.64
N VAL A 381 -9.22 18.88 15.04
CA VAL A 381 -10.47 19.43 14.51
C VAL A 381 -11.17 20.58 15.26
N PHE A 382 -11.72 20.30 16.44
CA PHE A 382 -12.41 21.30 17.25
C PHE A 382 -11.61 22.56 17.61
N ASP A 383 -12.31 23.69 17.75
CA ASP A 383 -11.65 24.93 18.13
C ASP A 383 -11.40 24.82 19.61
N THR A 384 -12.38 24.33 20.34
CA THR A 384 -12.24 24.14 21.77
C THR A 384 -10.93 23.35 22.00
N LYS A 385 -10.62 22.49 21.03
CA LYS A 385 -9.44 21.63 21.06
C LYS A 385 -8.16 22.28 20.56
N ARG A 386 -8.11 22.61 19.28
CA ARG A 386 -6.91 23.24 18.70
C ARG A 386 -6.36 24.20 19.75
N THR A 387 -7.28 24.83 20.47
CA THR A 387 -6.98 25.76 21.54
C THR A 387 -6.14 25.05 22.62
N ILE A 388 -6.80 24.19 23.38
CA ILE A 388 -6.15 23.45 24.46
C ILE A 388 -4.84 22.84 23.98
N PHE A 389 -4.65 22.75 22.67
CA PHE A 389 -3.42 22.20 22.14
C PHE A 389 -2.37 23.28 22.02
N LYS A 390 -2.69 24.37 21.31
CA LYS A 390 -1.71 25.45 21.17
C LYS A 390 -1.49 26.06 22.55
N GLU A 391 -2.55 26.09 23.34
CA GLU A 391 -2.48 26.64 24.69
C GLU A 391 -1.64 25.68 25.54
N LYS A 392 -0.85 24.86 24.86
CA LYS A 392 0.00 23.90 25.50
C LYS A 392 1.38 24.01 24.85
N VAL A 393 1.45 23.90 23.53
CA VAL A 393 2.74 24.02 22.86
C VAL A 393 3.32 25.33 23.32
N ASP A 394 2.43 26.29 23.55
CA ASP A 394 2.80 27.63 24.00
C ASP A 394 3.22 27.58 25.47
N PHE A 396 4.55 25.56 26.78
CA PHE A 396 5.85 24.89 26.72
C PHE A 396 6.90 25.92 26.31
N PHE A 397 6.71 26.51 25.14
CA PHE A 397 7.61 27.54 24.58
C PHE A 397 7.97 28.61 25.61
N ASN A 398 7.07 28.84 26.55
CA ASN A 398 7.33 29.82 27.58
C ASN A 398 8.36 29.23 28.52
N ALA A 399 7.93 28.33 29.39
CA ALA A 399 8.84 27.69 30.33
C ALA A 399 10.20 27.42 29.72
N LEU A 400 10.23 26.88 28.49
CA LEU A 400 11.50 26.58 27.82
C LEU A 400 12.31 27.85 27.57
N ILE A 401 11.68 28.85 26.96
CA ILE A 401 12.39 30.10 26.67
C ILE A 401 12.84 30.86 27.91
N SER A 402 11.92 31.14 28.82
CA SER A 402 12.26 31.84 30.05
C SER A 402 13.14 30.94 30.90
N ARG A 403 14.35 30.68 30.39
CA ARG A 403 15.31 29.82 31.07
C ARG A 403 16.52 29.74 30.17
N CYS A 404 16.47 30.51 29.09
CA CYS A 404 17.56 30.54 28.12
C CYS A 404 18.63 31.60 28.43
N THR A 405 18.83 31.89 29.73
CA THR A 405 19.82 32.89 30.15
C THR A 405 21.15 32.68 29.44
N ASN A 406 21.94 33.75 29.29
CA ASN A 406 23.22 33.65 28.61
C ASN A 406 24.31 33.23 29.56
N ASP A 407 24.60 31.93 29.58
CA ASP A 407 25.64 31.38 30.44
C ASP A 407 25.88 29.91 30.14
N ASP A 408 27.15 29.55 30.01
CA ASP A 408 27.63 28.21 29.74
C ASP A 408 26.54 27.15 29.80
N GLU A 409 25.82 27.13 30.92
CA GLU A 409 24.73 26.18 31.14
C GLU A 409 23.44 26.62 30.46
N GLY A 410 22.89 27.75 30.88
CA GLY A 410 21.66 28.25 30.31
C GLY A 410 21.61 28.10 28.79
N HIS A 411 22.78 28.23 28.15
CA HIS A 411 22.91 28.11 26.69
C HIS A 411 22.27 26.82 26.20
N LYS A 412 22.31 25.79 27.04
CA LYS A 412 21.72 24.51 26.69
C LYS A 412 20.31 24.79 26.20
N TYR A 413 19.55 25.50 27.04
CA TYR A 413 18.17 25.85 26.73
C TYR A 413 17.91 26.49 25.38
N ARG A 414 18.82 27.34 24.92
CA ARG A 414 18.65 27.98 23.63
C ARG A 414 18.72 26.94 22.52
N ILE A 415 19.53 25.91 22.71
CA ILE A 415 19.66 24.83 21.72
C ILE A 415 18.36 24.04 21.70
N LYS A 416 17.78 23.91 22.89
CA LYS A 416 16.51 23.24 23.02
C LYS A 416 15.45 24.08 22.34
N LEU A 417 15.06 25.17 22.97
CA LEU A 417 14.06 26.05 22.38
C LEU A 417 14.31 26.28 20.90
N SER A 418 15.56 26.12 20.46
CA SER A 418 15.89 26.29 19.04
C SER A 418 15.44 25.07 18.23
N CYS A 419 16.01 23.91 18.52
CA CYS A 419 15.62 22.71 17.81
C CYS A 419 14.11 22.58 17.92
N PHE A 420 13.59 22.69 19.14
CA PHE A 420 12.15 22.61 19.39
C PHE A 420 11.37 23.41 18.36
N LEU A 421 12.03 24.38 17.74
CA LEU A 421 11.38 25.19 16.74
C LEU A 421 11.67 24.73 15.32
N ILE A 422 12.85 24.15 15.10
CA ILE A 422 13.19 23.65 13.77
C ILE A 422 12.22 22.52 13.43
N THR A 423 11.76 21.83 14.47
CA THR A 423 10.82 20.71 14.32
C THR A 423 9.44 21.32 14.15
N LEU A 425 8.35 23.61 13.17
CA LEU A 425 8.22 24.30 11.87
C LEU A 425 7.99 23.29 10.75
N GLN A 426 8.73 22.18 10.81
CA GLN A 426 8.63 21.10 9.82
C GLN A 426 7.33 20.30 10.05
N GLY A 427 6.89 20.29 11.30
CA GLY A 427 5.68 19.58 11.66
C GLY A 427 4.50 20.49 11.49
N PRO A 428 3.76 20.78 12.58
CA PRO A 428 2.58 21.65 12.58
C PRO A 428 2.87 23.11 12.23
N VAL A 429 3.80 23.30 11.28
CA VAL A 429 4.28 24.60 10.79
C VAL A 429 3.49 25.82 11.24
N ASP A 430 2.17 25.77 11.16
CA ASP A 430 1.35 26.88 11.59
C ASP A 430 1.67 27.26 13.03
N ILE A 431 1.51 26.32 13.96
CA ILE A 431 1.81 26.61 15.35
C ILE A 431 3.29 26.96 15.50
N GLY A 432 4.08 26.58 14.51
CA GLY A 432 5.51 26.87 14.56
C GLY A 432 5.88 28.26 14.08
N ILE A 433 5.47 28.60 12.85
CA ILE A 433 5.74 29.92 12.31
C ILE A 433 5.05 30.92 13.23
N ASN A 434 3.84 30.60 13.64
CA ASN A 434 3.09 31.47 14.53
C ASN A 434 3.78 31.47 15.90
N LEU A 435 5.08 31.15 15.89
CA LEU A 435 5.87 31.15 17.11
C LEU A 435 7.13 32.00 16.95
N ILE A 436 7.85 31.85 15.85
CA ILE A 436 9.05 32.66 15.71
C ILE A 436 8.70 34.14 15.52
N THR A 437 7.41 34.45 15.34
CA THR A 437 6.99 35.84 15.17
C THR A 437 7.17 36.67 16.42
N ASN A 438 6.93 36.09 17.60
CA ASN A 438 7.16 36.83 18.83
C ASN A 438 8.68 36.92 18.90
N ASP A 439 9.23 37.89 18.18
CA ASP A 439 10.67 38.10 18.07
C ASP A 439 11.51 37.97 19.33
N GLN A 440 10.90 37.58 20.45
CA GLN A 440 11.64 37.40 21.67
C GLN A 440 12.62 36.24 21.37
N LEU A 441 12.40 35.62 20.22
CA LEU A 441 13.19 34.49 19.74
C LEU A 441 14.34 34.99 18.88
N THR A 442 14.08 36.03 18.10
CA THR A 442 15.09 36.59 17.21
C THR A 442 16.37 37.07 17.90
N PRO A 443 16.27 37.61 19.14
CA PRO A 443 17.51 38.06 19.77
C PRO A 443 18.41 36.86 20.03
N ILE A 444 17.88 35.88 20.75
CA ILE A 444 18.62 34.66 21.07
C ILE A 444 19.22 34.13 19.79
N LEU A 446 20.26 35.72 17.31
CA LEU A 446 21.49 36.49 17.12
C LEU A 446 22.54 36.10 18.14
N GLU A 447 22.21 36.32 19.41
CA GLU A 447 23.12 35.98 20.50
C GLU A 447 23.96 34.79 20.07
N ALA A 449 23.93 32.99 17.34
CA ALA A 449 24.40 33.12 15.96
C ALA A 449 25.77 33.75 15.85
N ALA A 450 26.07 34.64 16.79
CA ALA A 450 27.35 35.36 16.80
C ALA A 450 28.34 34.88 17.84
N SER A 451 27.89 34.10 18.82
CA SER A 451 28.82 33.61 19.84
C SER A 451 29.99 32.84 19.21
N GLN A 452 30.78 32.20 20.07
CA GLN A 452 31.93 31.44 19.61
C GLN A 452 31.63 29.96 19.46
N ASP A 453 30.64 29.50 20.23
CA ASP A 453 30.17 28.11 20.28
C ASP A 453 29.64 27.54 18.95
N HIS A 454 30.50 26.86 18.20
CA HIS A 454 30.13 26.28 16.89
C HIS A 454 28.73 25.68 16.80
N LEU A 455 28.25 25.09 17.88
CA LEU A 455 26.92 24.51 17.87
C LEU A 455 25.91 25.64 17.73
N GLN A 457 26.15 28.30 16.97
CA GLN A 457 26.51 29.00 15.73
C GLN A 457 25.75 28.37 14.57
N GLY A 458 25.88 27.06 14.43
CA GLY A 458 25.21 26.34 13.37
C GLY A 458 23.70 26.14 13.52
N ILE A 459 23.23 25.67 14.67
CA ILE A 459 21.80 25.43 14.81
C ILE A 459 20.98 26.71 14.92
N ALA A 460 21.61 27.84 14.62
CA ALA A 460 20.91 29.10 14.63
C ALA A 460 20.79 29.42 13.14
N ALA A 461 21.80 28.97 12.39
CA ALA A 461 21.88 29.14 10.94
C ALA A 461 20.98 28.07 10.31
N GLU A 462 20.33 27.31 11.17
CA GLU A 462 19.45 26.25 10.73
C GLU A 462 18.06 26.50 11.26
N LEU A 463 17.95 27.34 12.30
CA LEU A 463 16.64 27.67 12.87
C LEU A 463 16.03 28.70 11.92
N ILE A 464 16.87 29.22 11.02
CA ILE A 464 16.41 30.17 10.02
C ILE A 464 16.30 29.38 8.70
N VAL A 465 17.34 28.63 8.34
CA VAL A 465 17.32 27.82 7.11
C VAL A 465 15.99 27.07 7.10
N ALA A 466 15.48 26.82 8.29
CA ALA A 466 14.22 26.11 8.45
C ALA A 466 13.04 27.05 8.69
N THR A 467 13.11 28.28 8.21
CA THR A 467 12.01 29.23 8.36
C THR A 467 11.79 29.94 7.02
N VAL A 468 12.57 29.54 6.02
CA VAL A 468 12.47 30.11 4.68
C VAL A 468 11.02 30.14 4.20
N SER A 469 10.51 28.97 3.78
CA SER A 469 9.14 28.78 3.30
C SER A 469 8.66 29.59 2.08
N LYS A 470 7.53 30.27 2.25
CA LYS A 470 6.90 31.06 1.18
C LYS A 470 6.53 32.49 1.57
N HIS A 471 5.36 32.62 2.19
CA HIS A 471 4.79 33.90 2.63
C HIS A 471 5.70 34.77 3.49
N GLU A 472 5.11 35.80 4.10
CA GLU A 472 5.83 36.73 4.97
C GLU A 472 5.29 36.68 6.38
N ARG A 473 5.32 37.83 7.06
CA ARG A 473 4.85 37.91 8.44
C ARG A 473 5.95 37.26 9.28
N ALA A 474 6.66 36.35 8.63
CA ALA A 474 7.77 35.62 9.25
C ALA A 474 9.07 36.09 8.61
N ILE A 475 8.97 36.84 7.51
CA ILE A 475 10.17 37.37 6.86
C ILE A 475 10.67 38.53 7.72
N ASN A 476 10.08 38.60 8.91
CA ASN A 476 10.44 39.60 9.90
C ASN A 476 11.76 39.10 10.49
N LEU A 478 13.31 36.80 9.42
CA LEU A 478 14.15 36.41 8.29
C LEU A 478 14.96 37.60 7.83
N LYS A 479 14.35 38.77 7.87
CA LYS A 479 14.99 40.02 7.45
C LYS A 479 16.46 40.04 7.86
N VAL A 480 16.69 40.01 9.16
CA VAL A 480 18.03 40.02 9.72
C VAL A 480 18.71 38.65 9.56
N GLY A 481 17.91 37.59 9.61
CA GLY A 481 18.42 36.22 9.50
C GLY A 481 19.13 35.79 8.23
N ILE A 482 18.64 36.23 7.08
CA ILE A 482 19.27 35.86 5.82
C ILE A 482 20.71 36.36 5.78
N PRO A 483 20.91 37.68 6.03
CA PRO A 483 22.27 38.23 6.00
C PRO A 483 23.16 37.40 6.92
N VAL A 484 22.69 37.23 8.16
CA VAL A 484 23.41 36.45 9.16
C VAL A 484 23.96 35.17 8.52
N LEU A 485 23.13 34.50 7.74
CA LEU A 485 23.56 33.28 7.07
C LEU A 485 24.80 33.55 6.23
N ARG A 486 24.80 34.71 5.56
CA ARG A 486 25.89 35.16 4.68
C ARG A 486 27.21 35.23 5.42
N ALA A 487 27.13 35.71 6.66
CA ALA A 487 28.29 35.85 7.54
C ALA A 487 28.73 34.47 8.01
N LEU A 488 27.79 33.77 8.65
CA LEU A 488 28.06 32.43 9.17
C LEU A 488 28.60 31.54 8.06
N TYR A 489 28.12 31.78 6.83
CA TYR A 489 28.56 30.99 5.67
C TYR A 489 30.08 30.95 5.52
N ASP A 490 30.72 32.12 5.63
CA ASP A 490 32.18 32.21 5.52
C ASP A 490 32.89 31.14 6.34
N SER A 491 32.44 30.97 7.59
CA SER A 491 33.00 30.01 8.54
C SER A 491 33.80 28.87 7.96
N GLU A 492 34.88 28.52 8.64
CA GLU A 492 35.71 27.45 8.19
C GLU A 492 35.19 26.14 8.73
N ASP A 493 34.40 26.21 9.80
CA ASP A 493 33.83 24.99 10.37
C ASP A 493 32.80 24.43 9.40
N PRO A 494 33.19 23.41 8.61
CA PRO A 494 32.27 22.81 7.65
C PRO A 494 30.84 22.73 8.16
N THR A 495 30.65 22.08 9.29
CA THR A 495 29.33 21.95 9.85
C THR A 495 28.53 23.23 9.79
N VAL A 496 29.11 24.34 10.26
CA VAL A 496 28.40 25.62 10.26
C VAL A 496 28.38 26.26 8.87
N LYS A 497 29.32 25.88 8.01
CA LYS A 497 29.37 26.42 6.65
C LYS A 497 28.18 25.86 5.85
N VAL A 498 28.10 24.52 5.81
CA VAL A 498 27.05 23.79 5.11
C VAL A 498 25.65 24.18 5.60
N ARG A 499 25.45 24.02 6.91
CA ARG A 499 24.18 24.34 7.55
C ARG A 499 23.77 25.77 7.20
N ALA A 500 24.71 26.50 6.59
CA ALA A 500 24.48 27.87 6.17
C ALA A 500 24.29 27.91 4.65
N LEU A 501 24.86 26.92 3.95
CA LEU A 501 24.75 26.78 2.48
C LEU A 501 23.27 26.60 2.11
N VAL A 502 22.54 25.95 3.01
CA VAL A 502 21.11 25.73 2.88
C VAL A 502 20.51 27.08 3.22
N GLY A 503 19.22 27.26 2.95
CA GLY A 503 18.61 28.56 3.24
C GLY A 503 19.18 29.60 2.29
N LEU A 504 20.49 29.80 2.37
CA LEU A 504 21.17 30.73 1.49
C LEU A 504 21.16 30.10 0.09
N CYS A 505 20.65 28.87 0.04
CA CYS A 505 20.54 28.11 -1.20
C CYS A 505 19.04 28.04 -1.46
N LYS A 506 18.30 27.99 -0.37
CA LYS A 506 16.84 27.89 -0.31
C LYS A 506 16.11 29.22 -0.44
N ILE A 507 16.64 30.12 -1.26
CA ILE A 507 16.01 31.43 -1.46
C ILE A 507 16.07 31.86 -2.92
N GLY A 508 17.27 32.17 -3.39
CA GLY A 508 17.45 32.62 -4.76
C GLY A 508 17.10 34.08 -4.92
N ALA A 509 16.39 34.41 -6.00
CA ALA A 509 15.96 35.78 -6.30
C ALA A 509 14.96 36.31 -5.27
N GLU A 522 29.44 34.94 -4.49
CA GLU A 522 29.33 34.12 -3.28
C GLU A 522 27.99 33.37 -3.20
N GLU A 523 26.95 33.92 -3.81
CA GLU A 523 25.63 33.30 -3.76
C GLU A 523 25.01 33.05 -5.14
N ALA A 524 25.85 33.07 -6.17
CA ALA A 524 25.41 32.85 -7.54
C ALA A 524 24.74 31.48 -7.60
N VAL A 525 23.68 31.37 -8.38
CA VAL A 525 22.98 30.09 -8.46
C VAL A 525 23.97 28.96 -8.74
N ILE A 526 24.98 29.22 -9.57
CA ILE A 526 26.00 28.21 -9.87
C ILE A 526 26.88 28.03 -8.65
N SER A 527 27.30 29.15 -8.07
CA SER A 527 28.16 29.13 -6.88
C SER A 527 27.62 28.11 -5.88
N LEU A 528 26.43 28.39 -5.35
CA LEU A 528 25.77 27.51 -4.38
C LEU A 528 25.74 26.06 -4.85
N ALA A 529 25.93 25.87 -6.16
CA ALA A 529 25.93 24.53 -6.75
C ALA A 529 27.31 23.89 -6.58
N LYS A 530 28.35 24.56 -7.09
CA LYS A 530 29.71 24.04 -6.98
C LYS A 530 30.04 23.80 -5.52
N THR A 531 29.30 24.46 -4.65
CA THR A 531 29.49 24.33 -3.21
C THR A 531 29.03 22.94 -2.79
N CYS A 532 27.72 22.74 -2.75
CA CYS A 532 27.14 21.45 -2.39
C CYS A 532 27.80 20.35 -3.20
N LYS A 533 28.44 20.73 -4.32
CA LYS A 533 29.08 19.73 -5.17
C LYS A 533 30.31 19.14 -4.49
N LYS A 534 31.38 19.92 -4.37
CA LYS A 534 32.57 19.41 -3.71
C LYS A 534 32.24 19.15 -2.25
N PHE A 535 31.29 19.90 -1.69
CA PHE A 535 30.89 19.70 -0.31
C PHE A 535 30.51 18.21 -0.21
N LEU A 536 29.65 17.79 -1.14
CA LEU A 536 29.16 16.40 -1.23
C LEU A 536 30.25 15.49 -1.76
N LEU A 537 30.54 15.65 -3.04
CA LEU A 537 31.56 14.88 -3.74
C LEU A 537 32.65 14.38 -2.79
N GLU A 538 33.08 15.26 -1.88
CA GLU A 538 34.12 14.95 -0.89
C GLU A 538 33.61 13.88 0.07
N THR A 539 33.52 12.65 -0.43
CA THR A 539 33.02 11.55 0.37
C THR A 539 33.90 11.20 1.56
N GLU A 540 35.06 10.59 1.29
CA GLU A 540 35.99 10.16 2.34
C GLU A 540 36.24 11.15 3.47
N LYS A 541 36.41 12.41 3.12
CA LYS A 541 36.66 13.45 4.12
C LYS A 541 35.38 13.88 4.83
N TYR A 542 34.71 14.89 4.28
CA TYR A 542 33.46 15.38 4.86
C TYR A 542 32.58 14.22 5.34
N SER A 543 32.00 14.37 6.51
CA SER A 543 31.17 13.32 7.07
C SER A 543 29.82 13.18 6.37
N VAL A 544 29.05 12.22 6.84
CA VAL A 544 27.74 11.93 6.29
C VAL A 544 26.69 12.98 6.66
N ASP A 545 26.52 13.25 7.96
CA ASP A 545 25.54 14.25 8.36
C ASP A 545 25.86 15.60 7.75
N ILE A 546 27.12 15.80 7.37
CA ILE A 546 27.51 17.05 6.74
C ILE A 546 26.85 17.12 5.37
N ARG A 547 27.01 16.04 4.59
CA ARG A 547 26.45 15.96 3.25
C ARG A 547 24.94 15.76 3.24
N ARG A 548 24.33 15.56 4.41
CA ARG A 548 22.88 15.39 4.48
C ARG A 548 22.24 16.72 4.11
N TYR A 549 23.01 17.78 4.33
CA TYR A 549 22.56 19.14 4.04
C TYR A 549 23.02 19.49 2.63
N ALA A 550 24.26 19.13 2.33
CA ALA A 550 24.84 19.39 1.01
C ALA A 550 23.90 18.80 -0.04
N CYS A 551 23.13 17.81 0.40
CA CYS A 551 22.17 17.13 -0.45
C CYS A 551 20.90 17.98 -0.44
N GLU A 552 20.54 18.46 0.74
CA GLU A 552 19.36 19.29 0.88
C GLU A 552 19.51 20.58 0.09
N GLY A 553 20.70 21.14 0.13
CA GLY A 553 20.95 22.37 -0.60
C GLY A 553 20.72 22.13 -2.08
N LEU A 554 21.68 21.42 -2.69
CA LEU A 554 21.62 21.07 -4.11
C LEU A 554 20.17 20.80 -4.49
N SER A 555 19.44 20.14 -3.59
CA SER A 555 18.03 19.81 -3.80
C SER A 555 17.18 21.02 -4.17
N TYR A 556 17.44 22.17 -3.54
CA TYR A 556 16.68 23.39 -3.83
C TYR A 556 17.14 24.02 -5.15
N LEU A 557 18.36 23.69 -5.54
CA LEU A 557 18.93 24.18 -6.77
C LEU A 557 18.48 23.27 -7.92
N SER A 558 17.50 22.42 -7.64
CA SER A 558 16.92 21.50 -8.61
C SER A 558 15.42 21.79 -8.73
N LEU A 559 15.10 22.80 -9.53
CA LEU A 559 13.74 23.24 -9.80
C LEU A 559 13.96 24.21 -10.95
N ASP A 560 15.21 24.27 -11.38
CA ASP A 560 15.67 25.10 -12.48
C ASP A 560 16.30 24.18 -13.51
N ALA A 561 15.85 24.29 -14.75
CA ALA A 561 16.39 23.45 -15.82
C ALA A 561 17.91 23.48 -15.81
N ASP A 562 18.45 24.64 -16.15
CA ASP A 562 19.90 24.87 -16.23
C ASP A 562 20.72 23.99 -15.30
N VAL A 563 20.43 24.09 -14.01
CA VAL A 563 21.14 23.31 -13.00
C VAL A 563 20.96 21.81 -13.20
N LYS A 564 19.70 21.40 -13.31
CA LYS A 564 19.36 20.00 -13.51
C LYS A 564 20.33 19.35 -14.50
N GLU A 565 20.54 20.03 -15.63
CA GLU A 565 21.45 19.54 -16.65
C GLU A 565 22.87 19.45 -16.11
N TRP A 566 23.30 20.49 -15.40
CA TRP A 566 24.64 20.49 -14.84
C TRP A 566 24.87 19.29 -13.94
N ILE A 567 23.95 19.09 -13.00
CA ILE A 567 24.07 17.97 -12.06
C ILE A 567 24.42 16.68 -12.79
N VAL A 568 23.38 16.03 -13.31
CA VAL A 568 23.50 14.77 -14.04
C VAL A 568 24.69 14.78 -14.99
N ASP A 569 25.09 15.96 -15.42
CA ASP A 569 26.21 16.10 -16.35
C ASP A 569 27.49 15.46 -15.79
N ASP A 570 27.61 15.46 -14.46
CA ASP A 570 28.78 14.89 -13.80
C ASP A 570 28.49 13.57 -13.06
N SER A 571 29.11 12.49 -13.54
CA SER A 571 28.94 11.16 -12.96
C SER A 571 29.16 11.16 -11.46
N LEU A 572 30.39 11.49 -11.07
CA LEU A 572 30.81 11.53 -9.68
C LEU A 572 29.82 12.15 -8.70
N LEU A 573 28.95 13.03 -9.20
CA LEU A 573 27.95 13.67 -8.35
C LEU A 573 26.73 12.73 -8.21
N LEU A 574 26.64 11.76 -9.10
CA LEU A 574 25.55 10.80 -9.07
C LEU A 574 26.08 9.60 -8.29
N LYS A 575 27.25 9.11 -8.69
CA LYS A 575 27.90 7.98 -8.05
C LYS A 575 27.96 8.22 -6.54
N ALA A 576 28.09 9.48 -6.18
CA ALA A 576 28.17 9.89 -4.79
C ALA A 576 26.81 10.27 -4.18
N LEU A 577 25.95 10.94 -4.94
CA LEU A 577 24.65 11.31 -4.41
C LEU A 577 23.92 10.00 -4.09
N VAL A 578 24.32 8.95 -4.80
CA VAL A 578 23.76 7.61 -4.61
C VAL A 578 24.38 7.09 -3.30
N LEU A 579 25.69 6.92 -3.34
CA LEU A 579 26.47 6.45 -2.19
C LEU A 579 25.99 7.07 -0.88
N LEU A 580 25.52 8.31 -0.96
CA LEU A 580 25.02 9.00 0.23
C LEU A 580 23.72 8.32 0.66
N ALA A 581 22.72 8.29 -0.22
CA ALA A 581 21.44 7.67 0.10
C ALA A 581 21.67 6.29 0.67
N LYS A 582 22.63 5.59 0.07
CA LYS A 582 22.98 4.23 0.48
C LYS A 582 23.72 4.27 1.81
N LYS A 583 23.36 5.22 2.67
CA LYS A 583 24.00 5.37 3.96
C LYS A 583 23.23 6.32 4.86
N ALA A 584 22.67 7.37 4.27
CA ALA A 584 21.90 8.36 5.01
C ALA A 584 20.46 7.88 5.19
N GLY A 585 20.07 6.88 4.41
CA GLY A 585 18.73 6.34 4.50
C GLY A 585 17.69 7.44 4.49
N ALA A 586 16.59 7.21 5.21
CA ALA A 586 15.49 8.15 5.28
C ALA A 586 15.83 9.54 5.81
N LEU A 587 17.09 9.93 5.68
CA LEU A 587 17.57 11.24 6.13
C LEU A 587 17.73 12.17 4.94
N CYS A 588 17.65 11.56 3.75
CA CYS A 588 17.77 12.27 2.48
C CYS A 588 16.59 11.92 1.56
N VAL A 589 15.44 11.63 2.14
CA VAL A 589 14.28 11.29 1.34
C VAL A 589 13.69 12.56 0.77
N TYR A 590 12.96 13.31 1.60
CA TYR A 590 12.33 14.55 1.16
C TYR A 590 13.27 15.23 0.19
N THR A 591 14.57 15.17 0.50
CA THR A 591 15.60 15.82 -0.33
C THR A 591 16.05 15.09 -1.59
N LEU A 592 16.71 13.95 -1.44
CA LEU A 592 17.20 13.22 -2.60
C LEU A 592 16.05 12.83 -3.54
N ALA A 593 14.82 12.93 -3.02
CA ALA A 593 13.64 12.62 -3.82
C ALA A 593 13.39 13.78 -4.78
N THR A 594 13.42 14.98 -4.22
CA THR A 594 13.22 16.21 -4.96
C THR A 594 14.37 16.44 -5.94
N ILE A 595 15.47 15.74 -5.74
CA ILE A 595 16.62 15.85 -6.64
C ILE A 595 16.34 14.89 -7.80
N TYR A 596 15.96 13.66 -7.45
CA TYR A 596 15.66 12.63 -8.44
C TYR A 596 14.33 12.90 -9.11
N ALA A 597 13.43 13.55 -8.37
CA ALA A 597 12.11 13.86 -8.91
C ALA A 597 12.11 15.10 -9.82
N ASN A 598 13.06 16.01 -9.60
CA ASN A 598 13.14 17.22 -10.40
C ASN A 598 13.97 17.12 -11.67
N LEU A 599 14.95 16.22 -11.68
CA LEU A 599 15.79 16.04 -12.86
C LEU A 599 15.09 15.14 -13.88
N SER A 600 13.94 14.59 -13.47
CA SER A 600 13.14 13.70 -14.31
C SER A 600 11.86 14.41 -14.72
N ASN A 601 11.63 15.59 -14.15
CA ASN A 601 10.43 16.38 -14.43
C ASN A 601 9.19 15.56 -14.10
N ALA A 602 9.28 14.79 -13.02
CA ALA A 602 8.19 13.96 -12.56
C ALA A 602 7.11 14.80 -11.89
N PHE A 603 7.37 16.10 -11.76
CA PHE A 603 6.39 17.00 -11.15
C PHE A 603 5.36 17.42 -12.19
N GLU A 604 4.11 17.46 -11.77
CA GLU A 604 3.02 17.83 -12.66
C GLU A 604 2.43 19.20 -12.27
N LYS A 605 2.14 20.02 -13.28
CA LYS A 605 1.55 21.34 -13.04
C LYS A 605 0.23 21.42 -13.84
N PRO A 606 -0.83 22.00 -13.23
CA PRO A 606 -2.15 22.12 -13.87
C PRO A 606 -2.17 22.78 -15.27
N LYS A 607 -2.84 22.12 -16.22
CA LYS A 607 -2.94 22.63 -17.59
C LYS A 607 -4.37 22.54 -18.11
N PHE A 618 -4.27 39.10 -27.25
CA PHE A 618 -2.86 39.44 -27.01
C PHE A 618 -2.33 38.71 -25.77
N ALA A 619 -1.20 38.03 -25.95
CA ALA A 619 -0.54 37.28 -24.87
C ALA A 619 0.79 36.73 -25.37
N LYS A 620 1.48 35.97 -24.53
CA LYS A 620 2.78 35.39 -24.90
C LYS A 620 3.27 34.33 -23.91
N HIS A 621 4.20 34.72 -23.05
CA HIS A 621 4.80 33.85 -22.03
C HIS A 621 4.99 32.39 -22.41
N HIS A 622 5.27 32.16 -23.69
CA HIS A 622 5.52 30.83 -24.22
C HIS A 622 7.03 30.73 -24.47
N VAL A 623 7.66 31.90 -24.61
CA VAL A 623 9.10 31.99 -24.83
C VAL A 623 9.84 31.51 -23.58
N PRO A 624 9.28 31.72 -22.36
CA PRO A 624 9.93 31.28 -21.12
C PRO A 624 9.71 29.79 -20.80
N GLU A 625 8.64 29.22 -21.34
CA GLU A 625 8.33 27.80 -21.13
C GLU A 625 9.33 26.93 -21.90
N THR A 626 10.39 27.56 -22.36
CA THR A 626 11.43 26.90 -23.11
C THR A 626 12.32 25.97 -22.30
N HIS A 627 13.53 26.46 -21.99
CA HIS A 627 14.50 25.69 -21.25
C HIS A 627 14.51 24.30 -21.85
N PRO A 628 15.11 24.15 -23.04
CA PRO A 628 15.21 22.87 -23.73
C PRO A 628 15.71 21.74 -22.84
N LYS A 629 16.34 22.10 -21.72
CA LYS A 629 16.86 21.13 -20.77
C LYS A 629 15.68 20.54 -19.98
N ASP A 630 14.51 21.18 -20.12
CA ASP A 630 13.28 20.77 -19.46
C ASP A 630 12.26 20.22 -20.47
N THR A 631 11.87 21.05 -21.43
CA THR A 631 10.93 20.63 -22.46
C THR A 631 11.63 19.67 -23.40
N GLU A 632 10.85 18.95 -24.19
CA GLU A 632 11.38 17.99 -25.16
C GLU A 632 12.10 16.80 -24.50
N GLU A 633 12.40 15.78 -25.30
CA GLU A 633 13.08 14.58 -24.83
C GLU A 633 14.51 14.87 -24.36
N TYR A 634 14.66 15.99 -23.68
CA TYR A 634 15.94 16.40 -23.13
C TYR A 634 15.87 15.91 -21.68
N VAL A 635 14.65 15.54 -21.30
CA VAL A 635 14.37 15.00 -19.97
C VAL A 635 14.96 13.59 -19.99
N GLU A 636 14.71 12.91 -21.11
CA GLU A 636 15.18 11.56 -21.34
C GLU A 636 16.71 11.50 -21.29
N LYS A 637 17.34 12.55 -21.79
CA LYS A 637 18.79 12.63 -21.78
C LYS A 637 19.21 12.37 -20.33
N ARG A 638 18.59 13.12 -19.42
CA ARG A 638 18.88 13.02 -18.00
C ARG A 638 18.46 11.67 -17.41
N VAL A 639 17.16 11.41 -17.39
CA VAL A 639 16.64 10.16 -16.83
C VAL A 639 17.51 8.97 -17.23
N ARG A 640 18.05 9.02 -18.46
CA ARG A 640 18.90 7.93 -18.95
C ARG A 640 20.16 7.66 -18.13
N ALA A 641 21.19 8.49 -18.32
CA ALA A 641 22.44 8.32 -17.59
C ALA A 641 22.25 8.47 -16.07
N LEU A 642 21.04 8.87 -15.68
CA LEU A 642 20.70 9.03 -14.26
C LEU A 642 20.40 7.65 -13.69
N VAL A 643 19.40 6.97 -14.25
CA VAL A 643 19.06 5.64 -13.77
C VAL A 643 20.26 4.74 -13.98
N GLU A 644 21.25 5.27 -14.68
CA GLU A 644 22.48 4.54 -14.93
C GLU A 644 23.23 4.49 -13.62
N GLU A 645 23.41 5.66 -13.00
CA GLU A 645 24.11 5.81 -11.73
C GLU A 645 23.19 5.49 -10.56
N GLY A 646 22.94 4.20 -10.33
CA GLY A 646 22.05 3.79 -9.25
C GLY A 646 20.68 4.38 -9.49
N ALA A 647 20.43 5.53 -8.87
CA ALA A 647 19.16 6.24 -9.00
C ALA A 647 17.97 5.40 -8.56
N VAL A 648 18.13 4.08 -8.61
CA VAL A 648 17.07 3.17 -8.20
C VAL A 648 17.51 2.59 -6.85
N PRO A 649 18.72 1.99 -6.79
CA PRO A 649 19.19 1.42 -5.52
C PRO A 649 19.12 2.51 -4.45
N ALA A 650 19.25 3.74 -4.91
CA ALA A 650 19.20 4.90 -4.02
C ALA A 650 17.78 5.10 -3.53
N CYS A 651 16.82 4.84 -4.41
CA CYS A 651 15.41 4.99 -4.09
C CYS A 651 14.98 4.01 -3.02
N VAL A 652 15.20 2.74 -3.28
CA VAL A 652 14.84 1.70 -2.33
C VAL A 652 15.50 2.01 -1.00
N ALA A 653 16.69 2.61 -1.09
CA ALA A 653 17.46 2.98 0.09
C ALA A 653 16.68 3.88 1.06
N VAL A 654 16.64 5.16 0.73
CA VAL A 654 15.96 6.13 1.57
C VAL A 654 14.44 6.12 1.40
N SER A 655 13.89 4.98 1.02
CA SER A 655 12.44 4.85 0.79
C SER A 655 11.62 4.45 2.01
N LYS A 656 12.25 3.80 2.98
CA LYS A 656 11.55 3.40 4.19
C LYS A 656 11.36 4.66 5.02
N THR A 657 10.16 5.22 4.97
CA THR A 657 9.84 6.45 5.68
C THR A 657 8.37 6.77 5.59
N GLU A 658 7.64 6.63 6.69
CA GLU A 658 6.20 6.94 6.68
C GLU A 658 5.94 8.42 6.37
N SER A 659 6.76 8.98 5.47
CA SER A 659 6.64 10.38 5.05
C SER A 659 5.25 10.68 4.53
N LYS A 660 5.05 10.32 3.26
CA LYS A 660 3.81 10.49 2.51
C LYS A 660 4.21 11.08 1.15
N ASN A 661 4.70 12.32 1.21
CA ASN A 661 5.11 13.06 0.04
C ASN A 661 6.43 12.55 -0.49
N ALA A 662 7.33 12.19 0.40
CA ALA A 662 8.62 11.66 -0.02
C ALA A 662 8.34 10.46 -0.91
N LEU A 663 7.38 9.65 -0.48
CA LEU A 663 6.97 8.46 -1.24
C LEU A 663 6.58 8.96 -2.61
N GLU A 664 5.46 9.69 -2.60
CA GLU A 664 4.91 10.28 -3.81
C GLU A 664 6.03 10.78 -4.70
N LEU A 665 7.12 11.19 -4.06
CA LEU A 665 8.26 11.68 -4.80
C LEU A 665 8.94 10.51 -5.49
N ILE A 666 9.45 9.55 -4.72
CA ILE A 666 10.12 8.42 -5.35
C ILE A 666 9.15 7.73 -6.31
N ALA A 667 7.85 7.99 -6.13
CA ALA A 667 6.83 7.41 -7.00
C ALA A 667 7.03 7.93 -8.43
N ARG A 668 6.80 9.23 -8.60
CA ARG A 668 6.94 9.88 -9.90
C ARG A 668 8.35 9.72 -10.42
N SER A 669 9.30 9.57 -9.50
CA SER A 669 10.70 9.41 -9.88
C SER A 669 10.89 8.06 -10.54
N LEU A 670 9.92 7.17 -10.34
CA LEU A 670 9.96 5.83 -10.91
C LEU A 670 9.02 5.81 -12.11
N LEU A 671 7.80 6.28 -11.88
CA LEU A 671 6.81 6.34 -12.93
C LEU A 671 7.50 6.91 -14.18
N ALA A 672 8.15 8.04 -13.98
CA ALA A 672 8.86 8.74 -15.05
C ALA A 672 10.22 8.11 -15.35
N PHE A 673 10.48 6.94 -14.78
CA PHE A 673 11.74 6.23 -15.01
C PHE A 673 11.44 5.04 -15.91
N ALA A 674 10.20 4.56 -15.82
CA ALA A 674 9.78 3.41 -16.59
C ALA A 674 8.98 3.79 -17.82
N GLU A 675 9.43 4.80 -18.53
CA GLU A 675 8.74 5.20 -19.76
C GLU A 675 9.79 5.36 -20.83
N TYR A 676 10.70 4.38 -20.93
CA TYR A 676 11.77 4.42 -21.91
C TYR A 676 12.21 3.07 -22.49
N GLU A 677 11.47 2.02 -22.15
CA GLU A 677 11.75 0.67 -22.66
C GLU A 677 12.96 -0.08 -22.06
N ASP A 678 14.07 -0.08 -22.80
CA ASP A 678 15.30 -0.77 -22.38
C ASP A 678 15.71 -0.45 -20.95
N LEU A 679 15.15 0.62 -20.40
CA LEU A 679 15.44 1.03 -19.03
C LEU A 679 14.85 0.04 -18.03
N ARG A 680 13.52 -0.05 -17.97
CA ARG A 680 12.83 -0.96 -17.05
C ARG A 680 13.41 -2.37 -17.09
N GLY A 681 14.26 -2.61 -18.09
CA GLY A 681 14.91 -3.91 -18.23
C GLY A 681 15.82 -4.21 -17.06
N ARG A 682 16.33 -3.15 -16.42
CA ARG A 682 17.21 -3.31 -15.27
C ARG A 682 16.53 -2.74 -14.02
N ILE A 683 15.79 -1.64 -14.18
CA ILE A 683 15.09 -0.99 -13.06
C ILE A 683 14.11 -1.96 -12.43
N ILE A 684 14.03 -3.13 -13.05
CA ILE A 684 13.15 -4.21 -12.61
C ILE A 684 14.00 -5.11 -11.72
N ALA A 685 15.27 -5.28 -12.11
CA ALA A 685 16.22 -6.10 -11.36
C ALA A 685 16.77 -5.35 -10.15
N GLU A 686 16.48 -4.06 -10.08
CA GLU A 686 16.92 -3.22 -8.97
C GLU A 686 15.76 -2.92 -8.04
N GLY A 687 15.21 -4.00 -7.47
CA GLY A 687 14.10 -3.89 -6.54
C GLY A 687 12.94 -3.06 -7.05
N GLY A 688 12.96 -2.77 -8.35
CA GLY A 688 11.91 -1.96 -8.94
C GLY A 688 10.51 -2.38 -8.54
N THR A 689 10.09 -3.55 -9.00
CA THR A 689 8.75 -4.07 -8.72
C THR A 689 8.39 -3.97 -7.23
N VAL A 690 9.35 -4.31 -6.38
CA VAL A 690 9.16 -4.27 -4.93
C VAL A 690 8.68 -2.90 -4.46
N LEU A 691 9.54 -1.91 -4.67
CA LEU A 691 9.29 -0.52 -4.26
C LEU A 691 7.92 0.04 -4.65
N CYS A 692 7.81 0.54 -5.89
CA CYS A 692 6.56 1.13 -6.36
C CYS A 692 5.39 0.29 -5.93
N LEU A 693 5.63 -0.99 -5.67
CA LEU A 693 4.58 -1.89 -5.20
C LEU A 693 4.28 -1.52 -3.75
N ARG A 694 5.34 -1.42 -2.95
CA ARG A 694 5.21 -1.02 -1.56
C ARG A 694 4.50 0.34 -1.57
N LEU A 695 4.96 1.20 -2.48
CA LEU A 695 4.38 2.53 -2.66
C LEU A 695 2.87 2.45 -2.69
N THR A 696 2.32 1.48 -3.43
CA THR A 696 0.87 1.30 -3.57
C THR A 696 0.13 1.50 -2.25
N LYS A 697 0.63 0.84 -1.21
CA LYS A 697 0.03 0.91 0.11
C LYS A 697 0.51 2.17 0.82
N GLU A 698 1.79 2.15 1.17
CA GLU A 698 2.44 3.25 1.89
C GLU A 698 2.25 4.67 1.33
N ALA A 699 2.79 4.96 0.15
CA ALA A 699 2.66 6.31 -0.44
C ALA A 699 1.23 6.82 -0.34
N SER A 700 1.08 8.09 0.01
CA SER A 700 -0.25 8.68 0.15
C SER A 700 -0.69 9.37 -1.14
N GLY A 701 -1.99 9.70 -1.22
CA GLY A 701 -2.55 10.35 -2.39
C GLY A 701 -1.97 9.91 -3.73
N GLU A 702 -1.60 10.88 -4.56
CA GLU A 702 -1.00 10.59 -5.85
C GLU A 702 0.09 9.55 -5.69
N GLY A 703 0.61 9.43 -4.47
CA GLY A 703 1.67 8.47 -4.19
C GLY A 703 1.39 7.12 -4.83
N LYS A 704 0.39 6.43 -4.29
CA LYS A 704 0.01 5.11 -4.78
C LYS A 704 -0.31 5.25 -6.27
N ILE A 705 -1.25 6.15 -6.54
CA ILE A 705 -1.70 6.44 -7.88
C ILE A 705 -0.51 6.45 -8.86
N LYS A 706 0.33 7.47 -8.76
CA LYS A 706 1.50 7.60 -9.64
C LYS A 706 2.49 6.44 -9.55
N ALA A 707 2.54 5.79 -8.38
CA ALA A 707 3.44 4.66 -8.18
C ALA A 707 2.92 3.44 -8.95
N GLY A 708 1.60 3.28 -8.90
CA GLY A 708 0.96 2.16 -9.59
C GLY A 708 1.11 2.23 -11.10
N HIS A 709 1.03 3.44 -11.63
CA HIS A 709 1.19 3.65 -13.07
C HIS A 709 2.58 3.14 -13.44
N ALA A 710 3.53 3.35 -12.51
CA ALA A 710 4.90 2.92 -12.67
C ALA A 710 4.92 1.40 -12.74
N ILE A 711 4.09 0.80 -11.89
CA ILE A 711 3.97 -0.64 -11.84
C ILE A 711 3.49 -1.12 -13.20
N ALA A 712 2.29 -0.70 -13.54
CA ALA A 712 1.67 -1.06 -14.80
C ALA A 712 2.55 -0.67 -15.99
N LYS A 713 3.05 0.56 -16.01
CA LYS A 713 3.89 1.00 -17.12
C LYS A 713 5.29 0.36 -17.14
N LEU A 714 5.50 -0.61 -16.25
CA LEU A 714 6.78 -1.33 -16.21
C LEU A 714 6.43 -2.71 -16.76
N GLY A 715 5.27 -3.20 -16.34
CA GLY A 715 4.80 -4.50 -16.78
C GLY A 715 4.14 -4.34 -18.14
N ALA A 716 4.72 -4.97 -19.14
CA ALA A 716 4.21 -4.91 -20.48
C ALA A 716 5.20 -5.72 -21.30
N LYS A 717 6.09 -5.03 -22.01
CA LYS A 717 7.12 -5.71 -22.81
C LYS A 717 8.07 -6.40 -21.84
N ALA A 718 7.55 -6.78 -20.67
CA ALA A 718 8.33 -7.44 -19.65
C ALA A 718 7.73 -8.81 -19.33
N ASP A 719 8.60 -9.82 -19.21
CA ASP A 719 8.19 -11.19 -18.90
C ASP A 719 7.81 -11.27 -17.41
N PRO A 720 6.57 -11.68 -17.12
CA PRO A 720 6.07 -11.80 -15.74
C PRO A 720 6.81 -12.82 -14.86
N ILE A 722 10.17 -13.07 -14.79
CA ILE A 722 11.35 -12.34 -14.35
C ILE A 722 10.96 -10.93 -13.90
N SER A 723 9.88 -10.82 -13.14
CA SER A 723 9.43 -9.53 -12.65
C SER A 723 8.35 -9.65 -11.58
N PHE A 724 7.48 -10.64 -11.72
CA PHE A 724 6.40 -10.85 -10.75
C PHE A 724 6.35 -12.25 -10.12
N PRO A 725 7.49 -12.98 -10.07
CA PRO A 725 7.40 -14.31 -9.46
C PRO A 725 6.91 -14.32 -8.02
N GLY A 726 7.31 -15.36 -7.29
CA GLY A 726 6.94 -15.51 -5.90
C GLY A 726 5.70 -14.81 -5.39
N GLN A 727 4.58 -14.93 -6.09
CA GLN A 727 3.36 -14.31 -5.62
C GLN A 727 3.44 -12.80 -5.71
N ARG A 728 4.52 -12.31 -6.30
CA ARG A 728 4.70 -10.87 -6.47
C ARG A 728 3.45 -10.51 -7.26
N ALA A 729 3.10 -11.42 -8.16
CA ALA A 729 1.94 -11.26 -9.01
C ALA A 729 0.69 -10.94 -8.20
N TYR A 730 0.13 -11.94 -7.53
CA TYR A 730 -1.10 -11.79 -6.75
C TYR A 730 -1.30 -10.40 -6.16
N GLU A 731 -0.22 -9.80 -5.68
CA GLU A 731 -0.31 -8.46 -5.07
C GLU A 731 -0.53 -7.37 -6.10
N VAL A 732 0.17 -7.48 -7.23
CA VAL A 732 0.10 -6.53 -8.33
C VAL A 732 -1.22 -6.68 -9.10
N VAL A 733 -2.33 -6.53 -8.38
CA VAL A 733 -3.64 -6.68 -8.99
C VAL A 733 -4.59 -5.64 -8.43
N LYS A 734 -4.72 -5.62 -7.11
CA LYS A 734 -5.60 -4.66 -6.46
C LYS A 734 -5.32 -3.26 -7.04
N PRO A 735 -4.05 -2.96 -7.38
CA PRO A 735 -3.76 -1.64 -7.93
C PRO A 735 -4.24 -1.46 -9.38
N LEU A 736 -3.57 -2.12 -10.33
CA LEU A 736 -3.92 -2.01 -11.73
C LEU A 736 -5.22 -2.73 -12.09
N CYS A 737 -6.19 -2.65 -11.19
CA CYS A 737 -7.52 -3.25 -11.38
C CYS A 737 -8.45 -2.29 -10.65
N ASP A 738 -7.84 -1.27 -10.09
CA ASP A 738 -8.50 -0.19 -9.38
C ASP A 738 -8.06 1.05 -10.13
N LEU A 739 -6.95 0.92 -10.85
CA LEU A 739 -6.44 2.04 -11.64
C LEU A 739 -7.20 2.02 -12.96
N LEU A 740 -7.76 0.86 -13.29
CA LEU A 740 -8.56 0.75 -14.51
C LEU A 740 -9.85 1.51 -14.28
N HIS A 741 -10.48 1.27 -13.11
CA HIS A 741 -11.74 1.94 -12.72
C HIS A 741 -11.75 3.34 -13.35
N PRO A 742 -10.64 4.10 -13.19
CA PRO A 742 -10.62 5.43 -13.79
C PRO A 742 -10.49 5.25 -15.31
N ASP A 743 -11.59 4.86 -15.94
CA ASP A 743 -11.61 4.65 -17.39
C ASP A 743 -12.48 5.61 -18.18
N VAL A 744 -12.98 6.65 -17.52
CA VAL A 744 -13.78 7.64 -18.21
C VAL A 744 -12.81 8.22 -19.27
N GLU A 745 -11.53 7.85 -19.11
CA GLU A 745 -10.42 8.23 -20.00
C GLU A 745 -9.13 8.49 -19.23
N GLY A 746 -8.03 8.62 -19.99
CA GLY A 746 -6.73 8.92 -19.44
C GLY A 746 -5.81 7.76 -19.07
N LYS A 747 -4.87 8.08 -18.16
CA LYS A 747 -3.89 7.13 -17.64
C LYS A 747 -3.28 6.15 -18.62
N ALA A 748 -2.69 5.11 -18.04
CA ALA A 748 -2.06 4.05 -18.81
C ALA A 748 -2.94 2.83 -18.63
N ASN A 749 -4.24 3.03 -18.79
CA ASN A 749 -5.17 1.92 -18.68
C ASN A 749 -4.63 0.84 -19.60
N TYR A 750 -4.13 1.27 -20.75
CA TYR A 750 -3.56 0.37 -21.77
C TYR A 750 -2.30 -0.33 -21.24
N ASP A 751 -1.41 0.44 -20.61
CA ASP A 751 -0.20 -0.15 -20.06
C ASP A 751 -0.62 -1.16 -18.99
N SER A 752 -1.81 -0.94 -18.45
CA SER A 752 -2.38 -1.81 -17.43
C SER A 752 -3.03 -3.05 -18.06
N LEU A 753 -3.17 -3.04 -19.38
CA LEU A 753 -3.75 -4.17 -20.09
C LEU A 753 -2.65 -5.10 -20.50
N LEU A 754 -1.58 -4.57 -21.09
CA LEU A 754 -0.46 -5.42 -21.50
C LEU A 754 0.18 -6.07 -20.26
N THR A 755 -0.26 -5.61 -19.08
CA THR A 755 0.22 -6.15 -17.83
C THR A 755 -0.69 -7.31 -17.41
N LEU A 756 -1.96 -7.01 -17.14
CA LEU A 756 -2.90 -8.06 -16.78
C LEU A 756 -2.88 -9.13 -17.88
N THR A 757 -2.48 -8.72 -19.08
CA THR A 757 -2.38 -9.63 -20.23
C THR A 757 -1.18 -10.54 -20.07
N ASN A 758 -0.06 -9.96 -19.61
CA ASN A 758 1.15 -10.74 -19.38
C ASN A 758 1.12 -11.28 -17.96
N LEU A 759 -0.03 -11.10 -17.30
CA LEU A 759 -0.19 -11.57 -15.93
C LEU A 759 -1.18 -12.74 -15.88
N ALA A 760 -2.42 -12.49 -16.30
CA ALA A 760 -3.44 -13.53 -16.31
C ALA A 760 -3.00 -14.67 -17.24
N SER A 761 -2.03 -14.37 -18.11
CA SER A 761 -1.52 -15.35 -19.06
C SER A 761 -1.06 -16.63 -18.34
N VAL A 762 0.24 -16.78 -18.16
CA VAL A 762 0.79 -17.95 -17.49
C VAL A 762 0.49 -17.87 -15.97
N SER A 763 -0.13 -18.94 -15.45
CA SER A 763 -0.52 -19.08 -14.04
C SER A 763 -2.01 -18.78 -13.79
N ASP A 764 -2.74 -19.78 -13.30
CA ASP A 764 -4.17 -19.64 -13.02
C ASP A 764 -4.45 -18.67 -11.89
N SER A 765 -4.07 -19.07 -10.68
CA SER A 765 -4.27 -18.26 -9.47
C SER A 765 -4.34 -16.76 -9.79
N ILE A 766 -3.43 -16.30 -10.65
CA ILE A 766 -3.37 -14.90 -11.05
C ILE A 766 -4.77 -14.42 -11.45
N ARG A 767 -5.26 -14.95 -12.57
CA ARG A 767 -6.59 -14.62 -13.11
C ARG A 767 -7.63 -14.73 -12.01
N GLY A 768 -7.38 -15.62 -11.06
CA GLY A 768 -8.30 -15.82 -9.95
C GLY A 768 -8.58 -14.49 -9.28
N ARG A 769 -7.53 -13.79 -8.86
CA ARG A 769 -7.71 -12.50 -8.24
C ARG A 769 -8.33 -11.53 -9.24
N ILE A 770 -7.67 -11.36 -10.38
CA ILE A 770 -8.15 -10.47 -11.44
C ILE A 770 -9.68 -10.55 -11.46
N LEU A 771 -10.16 -11.78 -11.36
CA LEU A 771 -11.59 -12.07 -11.36
C LEU A 771 -12.23 -11.61 -10.06
N LYS A 772 -11.87 -12.27 -8.95
CA LYS A 772 -12.41 -11.92 -7.63
C LYS A 772 -12.42 -10.40 -7.43
N GLU A 773 -11.56 -9.71 -8.17
CA GLU A 773 -11.43 -8.27 -8.10
C GLU A 773 -12.73 -7.53 -8.43
N LYS A 774 -13.69 -8.22 -9.05
CA LYS A 774 -14.93 -7.55 -9.41
C LYS A 774 -14.47 -6.44 -10.37
N ALA A 775 -13.54 -6.82 -11.23
CA ALA A 775 -12.93 -5.91 -12.20
C ALA A 775 -13.33 -6.13 -13.66
N ILE A 776 -14.05 -7.22 -13.95
CA ILE A 776 -14.45 -7.51 -15.32
C ILE A 776 -15.42 -6.51 -15.95
N PRO A 777 -16.37 -5.95 -15.16
CA PRO A 777 -17.30 -4.99 -15.76
C PRO A 777 -16.61 -3.83 -16.50
N LYS A 778 -15.33 -3.65 -16.20
CA LYS A 778 -14.56 -2.58 -16.82
C LYS A 778 -13.65 -3.03 -17.96
N ILE A 779 -12.93 -4.14 -17.78
CA ILE A 779 -12.05 -4.65 -18.85
C ILE A 779 -12.96 -5.07 -20.01
N GLU A 780 -14.24 -5.28 -19.67
CA GLU A 780 -15.27 -5.69 -20.63
C GLU A 780 -15.73 -4.51 -21.48
N GLU A 781 -15.01 -3.39 -21.40
CA GLU A 781 -15.39 -2.21 -22.17
C GLU A 781 -14.29 -1.74 -23.09
N PHE A 782 -13.08 -2.26 -22.89
CA PHE A 782 -11.96 -1.90 -23.76
C PHE A 782 -12.26 -2.65 -25.05
N TRP A 783 -13.37 -3.37 -24.97
CA TRP A 783 -13.89 -4.17 -26.06
C TRP A 783 -14.92 -3.31 -26.82
N PHE A 784 -15.84 -2.72 -26.05
CA PHE A 784 -16.92 -1.87 -26.58
C PHE A 784 -16.41 -0.57 -27.20
N THR A 786 -14.52 2.06 -30.35
CA THR A 786 -14.36 2.41 -31.76
C THR A 786 -12.98 2.98 -32.04
N ASP A 787 -12.87 4.30 -31.85
CA ASP A 787 -11.63 5.03 -32.06
C ASP A 787 -10.62 4.74 -30.95
N HIS A 788 -10.39 3.46 -30.68
CA HIS A 788 -9.46 3.09 -29.63
C HIS A 788 -8.73 1.81 -29.99
N GLU A 789 -8.62 1.53 -31.28
CA GLU A 789 -7.96 0.32 -31.77
C GLU A 789 -6.95 -0.29 -30.82
N HIS A 790 -5.97 0.50 -30.41
CA HIS A 790 -4.91 0.05 -29.51
C HIS A 790 -5.37 -0.44 -28.13
N LEU A 791 -6.19 0.36 -27.46
CA LEU A 791 -6.69 0.01 -26.14
C LEU A 791 -7.64 -1.20 -26.22
N ARG A 792 -7.91 -1.63 -27.45
CA ARG A 792 -8.79 -2.79 -27.69
C ARG A 792 -7.95 -3.97 -28.11
N ALA A 793 -6.79 -3.69 -28.70
CA ALA A 793 -5.86 -4.73 -29.17
C ALA A 793 -5.62 -5.71 -28.05
N ALA A 794 -5.26 -5.19 -26.87
CA ALA A 794 -5.02 -6.02 -25.71
C ALA A 794 -6.34 -6.20 -24.97
N ALA A 795 -7.26 -5.25 -25.16
CA ALA A 795 -8.55 -5.30 -24.53
C ALA A 795 -9.08 -6.72 -24.65
N ALA A 796 -8.60 -7.41 -25.68
CA ALA A 796 -8.98 -8.79 -25.96
C ALA A 796 -7.87 -9.76 -25.61
N GLU A 797 -6.66 -9.50 -26.08
CA GLU A 797 -5.52 -10.38 -25.80
C GLU A 797 -5.50 -10.80 -24.34
N LEU A 798 -6.11 -9.95 -23.50
CA LEU A 798 -6.24 -10.19 -22.06
C LEU A 798 -7.27 -11.28 -21.84
N LEU A 799 -8.50 -10.99 -22.23
CA LEU A 799 -9.59 -11.93 -22.08
C LEU A 799 -9.23 -13.34 -22.56
N LEU A 800 -8.39 -13.46 -23.60
CA LEU A 800 -8.00 -14.79 -24.10
C LEU A 800 -7.33 -15.57 -22.96
N ASN A 801 -6.48 -14.87 -22.21
CA ASN A 801 -5.77 -15.49 -21.08
C ASN A 801 -6.56 -15.32 -19.78
N LEU A 802 -7.81 -14.87 -19.90
CA LEU A 802 -8.68 -14.68 -18.73
C LEU A 802 -9.69 -15.81 -18.65
N LEU A 803 -10.41 -16.06 -19.74
CA LEU A 803 -11.35 -17.15 -19.77
C LEU A 803 -10.52 -18.40 -19.99
N PHE A 804 -9.22 -18.18 -20.19
CA PHE A 804 -8.28 -19.27 -20.45
C PHE A 804 -8.30 -20.43 -19.46
N PHE A 805 -9.17 -20.38 -18.46
CA PHE A 805 -9.30 -21.48 -17.51
C PHE A 805 -10.44 -21.35 -16.53
N GLU A 806 -11.57 -21.94 -16.92
CA GLU A 806 -12.81 -21.96 -16.16
C GLU A 806 -13.07 -20.71 -15.35
N LYS A 807 -13.94 -20.83 -14.36
CA LYS A 807 -14.31 -19.70 -13.51
C LYS A 807 -15.02 -18.70 -14.40
N PHE A 808 -14.23 -18.18 -15.35
CA PHE A 808 -14.68 -17.19 -16.32
C PHE A 808 -14.94 -17.83 -17.69
N TYR A 809 -14.70 -19.14 -17.81
CA TYR A 809 -14.94 -19.83 -19.07
C TYR A 809 -16.40 -20.25 -19.11
N GLU A 810 -16.85 -20.87 -18.02
CA GLU A 810 -18.23 -21.32 -17.89
C GLU A 810 -19.09 -20.10 -17.60
N GLU A 811 -18.41 -19.03 -17.21
CA GLU A 811 -19.06 -17.76 -16.89
C GLU A 811 -19.46 -17.00 -18.17
N THR A 812 -18.72 -17.25 -19.25
CA THR A 812 -18.96 -16.58 -20.53
C THR A 812 -19.80 -17.36 -21.54
N VAL A 813 -19.94 -18.66 -21.32
CA VAL A 813 -20.70 -19.51 -22.24
C VAL A 813 -22.16 -19.69 -21.86
N ALA A 814 -22.40 -20.49 -20.82
CA ALA A 814 -23.75 -20.78 -20.36
C ALA A 814 -24.67 -19.57 -20.12
N PRO A 815 -24.39 -18.76 -19.08
CA PRO A 815 -25.19 -17.58 -18.72
C PRO A 815 -26.27 -17.12 -19.69
N GLY A 816 -25.88 -16.36 -20.69
CA GLY A 816 -26.83 -15.85 -21.65
C GLY A 816 -26.69 -14.34 -21.69
N THR A 817 -25.44 -13.89 -21.64
CA THR A 817 -25.12 -12.47 -21.69
C THR A 817 -24.21 -12.23 -22.91
N ASP A 818 -24.84 -11.73 -23.97
CA ASP A 818 -24.23 -11.42 -25.27
C ASP A 818 -22.72 -11.37 -25.38
N ARG A 819 -22.06 -12.46 -25.01
CA ARG A 819 -20.61 -12.53 -25.08
C ARG A 819 -20.16 -13.14 -26.38
N LEU A 820 -20.42 -14.44 -26.48
CA LEU A 820 -20.08 -15.25 -27.64
C LEU A 820 -20.33 -14.47 -28.94
N LYS A 821 -21.33 -13.60 -28.90
CA LYS A 821 -21.69 -12.78 -30.04
C LYS A 821 -20.51 -11.98 -30.59
N LEU A 822 -19.56 -11.66 -29.72
CA LEU A 822 -18.39 -10.89 -30.13
C LEU A 822 -17.10 -11.67 -30.38
N TRP A 823 -16.87 -12.77 -29.66
CA TRP A 823 -15.66 -13.56 -29.88
C TRP A 823 -15.67 -14.13 -31.30
N VAL A 824 -16.84 -14.03 -31.93
CA VAL A 824 -17.02 -14.51 -33.29
C VAL A 824 -16.89 -13.37 -34.29
N LEU A 825 -17.60 -12.27 -34.05
CA LEU A 825 -17.54 -11.11 -34.94
C LEU A 825 -16.09 -10.65 -35.09
N TYR A 826 -15.47 -10.30 -33.97
CA TYR A 826 -14.08 -9.83 -33.94
C TYR A 826 -13.14 -10.75 -34.71
N SER A 827 -13.38 -12.06 -34.59
CA SER A 827 -12.56 -13.05 -35.27
C SER A 827 -12.60 -12.85 -36.78
N ALA A 828 -13.79 -12.55 -37.28
CA ALA A 828 -13.98 -12.33 -38.71
C ALA A 828 -13.74 -10.86 -39.07
N GLU A 829 -14.38 -9.96 -38.33
CA GLU A 829 -14.25 -8.53 -38.56
C GLU A 829 -12.77 -8.13 -38.45
N VAL A 830 -12.04 -8.36 -39.53
CA VAL A 830 -10.61 -8.04 -39.55
C VAL A 830 -10.23 -7.03 -40.63
N GLU A 831 -10.60 -5.78 -40.40
CA GLU A 831 -10.28 -4.70 -41.32
C GLU A 831 -8.93 -4.14 -40.82
N GLU A 832 -8.45 -4.74 -39.73
CA GLU A 832 -7.21 -4.38 -39.07
C GLU A 832 -6.37 -5.66 -38.88
N GLU A 833 -6.67 -6.38 -37.80
CA GLU A 833 -6.03 -7.63 -37.42
C GLU A 833 -6.17 -7.75 -35.90
N ARG A 834 -5.11 -8.24 -35.25
CA ARG A 834 -5.08 -8.42 -33.79
C ARG A 834 -6.44 -8.71 -33.18
N LEU A 835 -7.32 -7.71 -33.18
CA LEU A 835 -8.68 -7.82 -32.66
C LEU A 835 -9.27 -9.17 -33.08
N SER A 836 -8.70 -9.74 -34.14
CA SER A 836 -9.11 -11.05 -34.66
C SER A 836 -8.34 -12.11 -33.89
N ARG A 837 -7.07 -12.28 -34.27
CA ARG A 837 -6.15 -13.25 -33.65
C ARG A 837 -6.43 -13.48 -32.17
N ALA A 838 -6.97 -12.46 -31.51
CA ALA A 838 -7.31 -12.54 -30.10
C ALA A 838 -8.66 -13.25 -29.96
N SER A 839 -9.70 -12.64 -30.52
CA SER A 839 -11.03 -13.22 -30.45
C SER A 839 -11.12 -14.45 -31.36
N ALA A 840 -9.97 -14.84 -31.94
CA ALA A 840 -9.88 -15.99 -32.84
C ALA A 840 -9.51 -17.23 -32.06
N ALA A 841 -8.43 -17.14 -31.29
CA ALA A 841 -8.01 -18.25 -30.44
C ALA A 841 -8.97 -18.18 -29.25
N GLY A 842 -9.85 -17.19 -29.32
CA GLY A 842 -10.87 -16.98 -28.30
C GLY A 842 -12.17 -17.42 -28.96
N PHE A 843 -12.01 -17.95 -30.16
CA PHE A 843 -13.10 -18.45 -30.98
C PHE A 843 -12.92 -19.96 -31.11
N ALA A 844 -11.68 -20.40 -31.32
CA ALA A 844 -11.37 -21.81 -31.48
C ALA A 844 -11.50 -22.60 -30.19
N ILE A 845 -10.99 -22.03 -29.09
CA ILE A 845 -11.04 -22.68 -27.79
C ILE A 845 -12.38 -22.53 -27.06
N LEU A 846 -13.18 -21.54 -27.45
CA LEU A 846 -14.48 -21.35 -26.82
C LEU A 846 -15.48 -22.23 -27.58
N THR A 847 -15.05 -22.75 -28.73
CA THR A 847 -15.88 -23.61 -29.58
C THR A 847 -15.95 -25.05 -29.09
N GLU A 848 -14.81 -25.62 -28.72
CA GLU A 848 -14.75 -26.99 -28.23
C GLU A 848 -15.83 -27.30 -27.19
N ASP A 849 -16.43 -26.26 -26.63
CA ASP A 849 -17.51 -26.46 -25.66
C ASP A 849 -18.79 -26.56 -26.47
N GLU A 850 -19.59 -27.58 -26.18
CA GLU A 850 -20.84 -27.81 -26.89
C GLU A 850 -21.91 -26.74 -26.67
N ASN A 851 -22.24 -26.46 -25.41
CA ASN A 851 -23.23 -25.44 -25.11
C ASN A 851 -22.95 -24.16 -25.87
N ALA A 852 -21.69 -24.00 -26.28
CA ALA A 852 -21.28 -22.84 -27.04
C ALA A 852 -21.94 -22.88 -28.41
N CYS A 853 -21.72 -23.97 -29.13
CA CYS A 853 -22.29 -24.16 -30.46
C CYS A 853 -23.80 -23.98 -30.42
N ALA A 854 -24.34 -23.85 -29.22
CA ALA A 854 -25.77 -23.67 -29.02
C ALA A 854 -26.14 -22.19 -29.04
N ARG A 855 -25.70 -21.46 -28.02
CA ARG A 855 -25.99 -20.04 -27.91
C ARG A 855 -25.78 -19.28 -29.21
N ILE A 856 -24.92 -19.82 -30.07
CA ILE A 856 -24.63 -19.20 -31.37
C ILE A 856 -25.71 -19.50 -32.42
N ASP A 858 -28.43 -20.54 -33.18
CA ASP A 858 -29.82 -20.11 -32.99
C ASP A 858 -29.93 -18.62 -32.67
N GLU A 859 -29.00 -18.12 -31.85
CA GLU A 859 -28.95 -16.72 -31.43
C GLU A 859 -27.79 -15.95 -32.08
N ILE A 860 -27.61 -16.16 -33.38
CA ILE A 860 -26.55 -15.48 -34.13
C ILE A 860 -26.95 -15.31 -35.61
N LYS A 861 -27.86 -14.35 -35.84
CA LYS A 861 -28.35 -14.04 -37.18
C LYS A 861 -27.17 -13.99 -38.16
N SER A 862 -27.47 -14.03 -39.45
CA SER A 862 -26.45 -13.97 -40.49
C SER A 862 -25.14 -14.59 -40.04
N TRP A 863 -25.23 -15.73 -39.37
CA TRP A 863 -24.02 -16.40 -38.91
C TRP A 863 -23.13 -16.83 -40.08
N PRO A 864 -23.73 -17.32 -41.20
CA PRO A 864 -22.88 -17.75 -42.31
C PRO A 864 -22.03 -16.63 -42.88
N GLU A 865 -22.67 -15.51 -43.23
CA GLU A 865 -21.96 -14.35 -43.79
C GLU A 865 -20.66 -14.09 -43.02
N VAL A 866 -20.74 -14.14 -41.70
CA VAL A 866 -19.58 -13.92 -40.85
C VAL A 866 -18.61 -15.09 -41.06
N PHE A 867 -19.09 -16.30 -40.79
CA PHE A 867 -18.28 -17.51 -40.96
C PHE A 867 -17.62 -17.50 -42.33
N LYS A 868 -18.24 -16.82 -43.29
CA LYS A 868 -17.74 -16.72 -44.65
C LYS A 868 -16.47 -15.88 -44.78
N ASP A 869 -16.51 -14.67 -44.22
CA ASP A 869 -15.34 -13.79 -44.27
C ASP A 869 -14.19 -14.47 -43.57
N ILE A 870 -14.41 -14.81 -42.30
CA ILE A 870 -13.42 -15.48 -41.46
C ILE A 870 -13.01 -16.80 -42.06
N ALA A 871 -13.89 -17.37 -42.89
CA ALA A 871 -13.62 -18.66 -43.53
C ALA A 871 -12.18 -18.71 -44.04
N HIS A 873 -10.64 -15.46 -44.73
CA HIS A 873 -10.23 -14.06 -44.58
C HIS A 873 -8.70 -13.93 -44.55
N GLU A 874 -8.17 -13.23 -45.56
CA GLU A 874 -6.74 -13.01 -45.72
C GLU A 874 -5.97 -12.55 -44.48
N ASP A 875 -5.94 -13.39 -43.45
CA ASP A 875 -5.22 -13.07 -42.21
C ASP A 875 -4.27 -14.19 -41.87
N ALA A 876 -3.96 -15.04 -42.86
CA ALA A 876 -3.06 -16.18 -42.71
C ALA A 876 -2.91 -16.58 -41.24
N GLU A 877 -4.04 -16.63 -40.54
CA GLU A 877 -4.07 -16.98 -39.13
C GLU A 877 -5.51 -17.15 -38.72
N THR A 878 -6.33 -16.12 -38.96
CA THR A 878 -7.74 -16.20 -38.62
C THR A 878 -8.44 -17.21 -39.54
N GLN A 879 -7.79 -17.56 -40.66
CA GLN A 879 -8.33 -18.55 -41.59
C GLN A 879 -7.77 -19.90 -41.16
N ARG A 880 -7.45 -19.99 -39.87
CA ARG A 880 -6.92 -21.20 -39.26
C ARG A 880 -7.57 -21.29 -37.87
N ARG A 881 -7.68 -20.15 -37.19
CA ARG A 881 -8.31 -20.08 -35.87
C ARG A 881 -9.80 -19.94 -36.10
N GLY A 882 -10.15 -19.55 -37.32
CA GLY A 882 -11.54 -19.43 -37.69
C GLY A 882 -11.96 -20.81 -38.13
N LEU A 883 -11.16 -21.39 -39.03
CA LEU A 883 -11.42 -22.73 -39.57
C LEU A 883 -11.38 -23.81 -38.50
N GLY A 885 -12.33 -22.74 -35.01
CA GLY A 885 -13.43 -22.35 -34.16
C GLY A 885 -14.72 -22.47 -34.95
N ILE A 886 -14.56 -22.91 -36.19
CA ILE A 886 -15.66 -23.13 -37.13
C ILE A 886 -15.79 -24.64 -37.30
N ALA A 887 -14.65 -25.30 -37.53
CA ALA A 887 -14.59 -26.75 -37.73
C ALA A 887 -15.18 -27.49 -36.54
N ASN A 888 -14.84 -27.04 -35.34
CA ASN A 888 -15.32 -27.69 -34.13
C ASN A 888 -16.76 -27.31 -33.75
N ILE A 889 -17.35 -26.34 -34.46
CA ILE A 889 -18.74 -25.94 -34.19
C ILE A 889 -19.64 -27.00 -34.80
N HIS A 891 -18.10 -30.28 -35.78
CA HIS A 891 -17.56 -31.55 -35.30
C HIS A 891 -18.32 -31.98 -34.06
N SER A 892 -19.01 -31.02 -33.44
CA SER A 892 -19.82 -31.28 -32.26
C SER A 892 -21.19 -30.71 -32.59
N SER A 893 -22.23 -31.53 -32.40
CA SER A 893 -23.59 -31.11 -32.71
C SER A 893 -23.73 -31.21 -34.23
N ASN A 894 -24.76 -31.92 -34.70
CA ASN A 894 -24.97 -32.10 -36.13
C ASN A 894 -25.97 -31.17 -36.79
N LYS A 895 -26.84 -30.54 -36.00
CA LYS A 895 -27.82 -29.60 -36.55
C LYS A 895 -27.01 -28.44 -37.14
N LEU A 896 -25.72 -28.41 -36.79
CA LEU A 896 -24.77 -27.40 -37.24
C LEU A 896 -23.86 -28.02 -38.30
N CYS A 897 -23.60 -29.32 -38.14
CA CYS A 897 -22.76 -30.07 -39.05
C CYS A 897 -23.43 -30.03 -40.42
N SER A 898 -24.74 -29.81 -40.40
CA SER A 898 -25.53 -29.71 -41.62
C SER A 898 -25.11 -28.45 -42.34
N GLU A 899 -25.69 -27.34 -41.89
CA GLU A 899 -25.44 -26.01 -42.43
C GLU A 899 -24.28 -25.96 -43.42
N ILE A 900 -24.59 -26.06 -44.70
CA ILE A 900 -23.60 -25.99 -45.78
C ILE A 900 -24.00 -24.89 -46.77
N VAL A 901 -24.94 -24.04 -46.33
CA VAL A 901 -25.46 -22.94 -47.14
C VAL A 901 -24.49 -21.78 -47.36
N SER A 902 -23.80 -21.80 -48.49
CA SER A 902 -22.84 -20.78 -48.90
C SER A 902 -21.43 -20.92 -48.30
N SER A 903 -21.36 -21.14 -46.99
CA SER A 903 -20.08 -21.28 -46.29
C SER A 903 -19.39 -22.61 -46.59
N GLU A 904 -20.16 -23.68 -46.70
CA GLU A 904 -19.63 -25.02 -46.99
C GLU A 904 -18.83 -25.06 -48.28
N VAL A 905 -18.97 -23.99 -49.05
CA VAL A 905 -18.26 -23.87 -50.32
C VAL A 905 -16.80 -23.53 -50.04
N PHE A 906 -16.58 -22.30 -49.59
CA PHE A 906 -15.24 -21.83 -49.28
C PHE A 906 -14.48 -22.94 -48.58
N ARG A 907 -15.18 -23.67 -47.71
CA ARG A 907 -14.59 -24.76 -46.97
C ARG A 907 -13.68 -25.59 -47.89
N VAL A 908 -14.26 -26.12 -48.96
CA VAL A 908 -13.49 -26.93 -49.90
C VAL A 908 -12.27 -26.18 -50.40
N LEU A 909 -12.41 -24.88 -50.61
CA LEU A 909 -11.33 -24.03 -51.11
C LEU A 909 -9.93 -24.59 -50.88
N VAL A 910 -9.24 -24.11 -49.86
CA VAL A 910 -7.89 -24.58 -49.56
C VAL A 910 -7.80 -26.07 -49.88
N ALA A 911 -7.02 -26.38 -50.92
CA ALA A 911 -6.84 -27.76 -51.37
C ALA A 911 -5.78 -27.83 -52.45
N VAL A 912 -4.74 -27.02 -52.30
CA VAL A 912 -3.64 -26.99 -53.26
C VAL A 912 -2.36 -26.52 -52.58
N THR A 913 -1.32 -26.27 -53.36
CA THR A 913 -0.05 -25.81 -52.84
C THR A 913 -0.06 -24.27 -52.85
N LYS A 914 -0.91 -23.69 -52.00
CA LYS A 914 -1.05 -22.23 -51.92
C LYS A 914 -0.39 -21.60 -50.69
N LEU A 915 0.85 -21.98 -50.40
CA LEU A 915 1.63 -21.45 -49.27
C LEU A 915 0.96 -21.56 -47.90
N GLY A 916 0.38 -20.46 -47.43
CA GLY A 916 -0.28 -20.40 -46.13
C GLY A 916 -0.73 -21.77 -45.64
N THR A 917 -0.12 -22.23 -44.54
CA THR A 917 -0.46 -23.53 -43.97
C THR A 917 -1.86 -23.54 -43.37
N ILE A 918 -2.61 -22.46 -43.57
CA ILE A 918 -3.96 -22.34 -43.04
C ILE A 918 -4.89 -23.42 -43.57
N ASN A 919 -4.36 -24.27 -44.46
CA ASN A 919 -5.13 -25.37 -45.02
C ASN A 919 -5.34 -26.36 -43.89
N GLN A 920 -4.62 -26.14 -42.80
CA GLN A 920 -4.69 -26.99 -41.61
C GLN A 920 -6.11 -27.07 -41.10
N GLU A 921 -6.52 -26.11 -40.27
CA GLU A 921 -7.87 -26.09 -39.73
C GLU A 921 -8.87 -26.06 -40.88
N ARG A 922 -8.34 -26.03 -42.11
CA ARG A 922 -9.16 -26.02 -43.31
C ARG A 922 -9.55 -27.46 -43.64
N ALA A 923 -8.56 -28.34 -43.72
CA ALA A 923 -8.79 -29.74 -44.03
C ALA A 923 -9.52 -30.41 -42.87
N GLY A 924 -9.66 -29.66 -41.78
CA GLY A 924 -10.34 -30.13 -40.58
C GLY A 924 -11.83 -29.79 -40.65
N SER A 925 -12.15 -28.73 -41.38
CA SER A 925 -13.54 -28.32 -41.55
C SER A 925 -14.27 -29.38 -42.37
N THR A 926 -13.59 -29.90 -43.38
CA THR A 926 -14.16 -30.93 -44.25
C THR A 926 -14.42 -32.21 -43.44
N GLU A 927 -13.45 -32.57 -42.61
CA GLU A 927 -13.52 -33.77 -41.77
C GLU A 927 -14.92 -34.05 -41.20
N GLN A 928 -15.55 -33.03 -40.64
CA GLN A 928 -16.87 -33.18 -40.03
C GLN A 928 -17.95 -33.47 -41.07
N ALA A 929 -17.63 -34.34 -42.03
CA ALA A 929 -18.56 -34.72 -43.07
C ALA A 929 -18.97 -36.17 -42.86
N LYS A 930 -18.14 -36.91 -42.14
CA LYS A 930 -18.41 -38.32 -41.86
C LYS A 930 -19.56 -38.44 -40.86
N ALA B 1 -34.11 -13.32 -8.68
CA ALA B 1 -35.42 -12.63 -8.57
C ALA B 1 -35.64 -12.07 -7.16
N GLY B 2 -35.50 -10.75 -7.04
CA GLY B 2 -35.69 -10.05 -5.78
C GLY B 2 -34.44 -9.83 -4.97
N GLY B 3 -34.37 -10.54 -3.85
CA GLY B 3 -33.23 -10.46 -2.95
C GLY B 3 -33.47 -11.01 -1.55
N PRO B 4 -34.71 -11.38 -1.17
CA PRO B 4 -34.93 -11.90 0.18
C PRO B 4 -34.03 -13.09 0.49
N THR B 5 -33.26 -13.52 -0.51
CA THR B 5 -32.33 -14.62 -0.37
C THR B 5 -31.23 -14.20 0.62
N ILE B 6 -31.67 -13.57 1.72
CA ILE B 6 -30.80 -13.06 2.78
C ILE B 6 -29.38 -12.74 2.28
N GLU B 7 -29.37 -11.84 1.30
CA GLU B 7 -28.18 -11.29 0.66
C GLU B 7 -28.65 -9.85 0.56
N GLU B 8 -29.57 -9.54 1.47
CA GLU B 8 -30.20 -8.25 1.57
C GLU B 8 -30.39 -7.94 3.06
N VAL B 9 -30.24 -6.68 3.42
CA VAL B 9 -30.39 -6.22 4.79
C VAL B 9 -31.84 -5.77 5.02
N ASP B 10 -32.15 -5.22 6.19
CA ASP B 10 -33.51 -4.76 6.46
C ASP B 10 -33.63 -3.82 7.66
#